data_6PX8
#
_entry.id   6PX8
#
_entity_poly.entity_id   1
_entity_poly.type   'polypeptide(L)'
_entity_poly.pdbx_seq_one_letter_code
;GITCDLIGNERLCVVHCLAKGFRGGWCDSRKVCNCRR
;
_entity_poly.pdbx_strand_id   A
#
# COMPACT_ATOMS: atom_id res chain seq x y z
N GLY A 1 -9.28 2.82 -6.84
CA GLY A 1 -7.97 3.43 -7.02
C GLY A 1 -6.86 2.50 -6.63
N ILE A 2 -6.47 2.55 -5.37
CA ILE A 2 -5.41 1.70 -4.87
C ILE A 2 -5.80 0.24 -4.87
N THR A 3 -5.09 -0.52 -5.63
CA THR A 3 -5.38 -1.90 -5.88
C THR A 3 -4.15 -2.71 -5.51
N CYS A 4 -4.36 -3.93 -5.12
CA CYS A 4 -3.26 -4.79 -4.75
C CYS A 4 -3.21 -6.01 -5.64
N ASP A 5 -2.35 -5.97 -6.62
CA ASP A 5 -2.13 -7.10 -7.48
C ASP A 5 -1.02 -7.89 -6.85
N LEU A 6 -0.12 -7.15 -6.25
CA LEU A 6 0.95 -7.66 -5.53
C LEU A 6 0.61 -7.47 -4.07
N ILE A 7 1.06 -8.33 -3.26
CA ILE A 7 0.84 -8.21 -1.86
C ILE A 7 2.14 -7.85 -1.20
N GLY A 8 2.20 -6.66 -0.64
CA GLY A 8 3.41 -6.19 0.02
C GLY A 8 4.40 -5.60 -0.97
N ASN A 9 4.53 -6.22 -2.13
CA ASN A 9 5.49 -5.80 -3.18
C ASN A 9 4.83 -4.76 -4.06
N GLU A 10 3.69 -4.36 -3.63
CA GLU A 10 2.82 -3.49 -4.34
C GLU A 10 3.23 -2.02 -4.11
N ARG A 11 4.37 -1.67 -4.69
CA ARG A 11 4.95 -0.33 -4.58
C ARG A 11 4.02 0.74 -5.14
N LEU A 12 3.23 0.36 -6.12
CA LEU A 12 2.26 1.27 -6.72
C LEU A 12 1.19 1.67 -5.70
N CYS A 13 1.00 0.85 -4.69
CA CYS A 13 0.12 1.20 -3.62
C CYS A 13 0.91 1.98 -2.54
N VAL A 14 2.10 1.45 -2.20
CA VAL A 14 3.00 2.05 -1.16
C VAL A 14 3.26 3.55 -1.42
N VAL A 15 3.49 3.89 -2.70
CA VAL A 15 3.76 5.27 -3.11
C VAL A 15 2.60 6.21 -2.73
N HIS A 16 1.38 5.70 -2.72
CA HIS A 16 0.21 6.48 -2.36
C HIS A 16 0.29 6.86 -0.89
N CYS A 17 0.70 5.92 -0.09
CA CYS A 17 0.85 6.14 1.33
C CYS A 17 1.96 7.15 1.57
N LEU A 18 3.05 7.01 0.83
CA LEU A 18 4.20 7.91 0.95
C LEU A 18 3.85 9.31 0.44
N ALA A 19 2.98 9.38 -0.55
CA ALA A 19 2.53 10.66 -1.09
C ALA A 19 1.68 11.39 -0.08
N LYS A 20 0.84 10.64 0.63
CA LYS A 20 0.01 11.22 1.68
C LYS A 20 0.86 11.65 2.87
N GLY A 21 1.92 10.92 3.12
CA GLY A 21 2.80 11.28 4.21
C GLY A 21 2.89 10.19 5.24
N PHE A 22 2.52 9.00 4.87
CA PHE A 22 2.61 7.86 5.73
C PHE A 22 4.00 7.31 5.73
N ARG A 23 4.34 6.54 6.75
CA ARG A 23 5.63 5.86 6.85
C ARG A 23 5.75 4.89 5.69
N GLY A 24 4.62 4.43 5.22
CA GLY A 24 4.58 3.53 4.13
C GLY A 24 3.27 2.82 4.08
N GLY A 25 3.18 1.88 3.21
CA GLY A 25 1.96 1.17 3.03
C GLY A 25 2.22 -0.21 2.61
N TRP A 26 1.23 -1.03 2.70
CA TRP A 26 1.36 -2.41 2.35
C TRP A 26 -0.01 -2.98 2.07
N CYS A 27 -0.04 -3.97 1.27
CA CYS A 27 -1.25 -4.68 1.03
C CYS A 27 -1.24 -5.88 1.93
N ASP A 28 -2.30 -6.05 2.65
CA ASP A 28 -2.35 -7.15 3.60
C ASP A 28 -2.94 -8.39 2.94
N SER A 29 -3.12 -9.44 3.71
CA SER A 29 -3.68 -10.69 3.24
C SER A 29 -5.07 -10.52 2.62
N ARG A 30 -5.80 -9.49 3.02
CA ARG A 30 -7.13 -9.21 2.50
C ARG A 30 -7.06 -8.53 1.13
N LYS A 31 -5.83 -8.29 0.64
CA LYS A 31 -5.57 -7.66 -0.67
C LYS A 31 -5.98 -6.19 -0.63
N VAL A 32 -6.01 -5.65 0.57
CA VAL A 32 -6.38 -4.29 0.80
C VAL A 32 -5.14 -3.46 1.06
N CYS A 33 -5.14 -2.27 0.50
CA CYS A 33 -4.11 -1.30 0.72
C CYS A 33 -4.25 -0.66 2.08
N ASN A 34 -3.22 -0.77 2.88
CA ASN A 34 -3.21 -0.18 4.19
C ASN A 34 -2.00 0.70 4.29
N CYS A 35 -2.14 1.86 4.85
CA CYS A 35 -1.02 2.75 5.03
C CYS A 35 -0.78 2.95 6.51
N ARG A 36 0.49 2.77 6.97
CA ARG A 36 0.87 2.96 8.38
C ARG A 36 2.31 2.51 8.58
N ARG A 37 2.66 1.41 7.93
CA ARG A 37 3.95 0.78 8.12
C ARG A 37 4.79 0.97 6.89
N GLY A 1 -5.76 4.94 -8.12
CA GLY A 1 -5.89 4.61 -6.70
C GLY A 1 -5.25 3.30 -6.37
N ILE A 2 -5.43 2.86 -5.15
CA ILE A 2 -4.87 1.61 -4.67
C ILE A 2 -5.46 0.38 -5.36
N THR A 3 -4.60 -0.50 -5.76
CA THR A 3 -4.98 -1.76 -6.35
C THR A 3 -3.95 -2.78 -5.89
N CYS A 4 -4.33 -4.01 -5.74
CA CYS A 4 -3.40 -5.01 -5.31
C CYS A 4 -3.17 -6.07 -6.35
N ASP A 5 -2.01 -6.06 -6.91
CA ASP A 5 -1.56 -7.10 -7.79
C ASP A 5 -0.75 -8.06 -6.95
N LEU A 6 0.14 -7.49 -6.17
CA LEU A 6 0.94 -8.23 -5.24
C LEU A 6 0.52 -7.82 -3.83
N ILE A 7 1.03 -8.51 -2.89
CA ILE A 7 0.82 -8.26 -1.50
C ILE A 7 2.15 -7.86 -0.90
N GLY A 8 2.19 -6.77 -0.17
CA GLY A 8 3.45 -6.30 0.41
C GLY A 8 4.37 -5.59 -0.58
N ASN A 9 4.54 -6.18 -1.75
CA ASN A 9 5.48 -5.71 -2.79
C ASN A 9 4.76 -4.78 -3.73
N GLU A 10 3.61 -4.40 -3.33
CA GLU A 10 2.76 -3.67 -4.14
C GLU A 10 3.05 -2.18 -4.02
N ARG A 11 4.11 -1.78 -4.67
CA ARG A 11 4.61 -0.41 -4.69
C ARG A 11 3.56 0.59 -5.18
N LEU A 12 2.74 0.18 -6.12
CA LEU A 12 1.68 1.02 -6.65
C LEU A 12 0.61 1.27 -5.59
N CYS A 13 0.59 0.43 -4.58
CA CYS A 13 -0.25 0.62 -3.44
C CYS A 13 0.47 1.53 -2.45
N VAL A 14 1.75 1.22 -2.22
CA VAL A 14 2.61 1.94 -1.27
C VAL A 14 2.67 3.45 -1.59
N VAL A 15 2.66 3.78 -2.88
CA VAL A 15 2.74 5.16 -3.34
C VAL A 15 1.54 6.01 -2.83
N HIS A 16 0.44 5.36 -2.53
CA HIS A 16 -0.72 6.06 -2.00
C HIS A 16 -0.41 6.54 -0.58
N CYS A 17 0.25 5.69 0.15
CA CYS A 17 0.66 5.97 1.50
C CYS A 17 1.73 7.05 1.48
N LEU A 18 2.61 6.97 0.49
CA LEU A 18 3.67 7.95 0.32
C LEU A 18 3.08 9.31 -0.04
N ALA A 19 1.96 9.29 -0.76
CA ALA A 19 1.26 10.50 -1.14
C ALA A 19 0.60 11.14 0.06
N LYS A 20 0.02 10.31 0.92
CA LYS A 20 -0.61 10.79 2.15
C LYS A 20 0.41 11.23 3.19
N GLY A 21 1.63 10.72 3.09
CA GLY A 21 2.69 11.17 3.98
C GLY A 21 3.10 10.12 4.96
N PHE A 22 2.71 8.91 4.71
CA PHE A 22 2.99 7.78 5.57
C PHE A 22 4.42 7.34 5.49
N ARG A 23 4.86 6.64 6.52
CA ARG A 23 6.18 6.03 6.55
C ARG A 23 6.23 4.90 5.54
N GLY A 24 5.05 4.46 5.15
CA GLY A 24 4.96 3.45 4.16
C GLY A 24 3.62 2.81 4.16
N GLY A 25 3.44 1.92 3.25
CA GLY A 25 2.20 1.27 3.08
C GLY A 25 2.41 -0.06 2.48
N TRP A 26 1.40 -0.88 2.53
CA TRP A 26 1.47 -2.21 2.00
C TRP A 26 0.07 -2.77 1.82
N CYS A 27 -0.10 -3.57 0.83
CA CYS A 27 -1.33 -4.28 0.66
C CYS A 27 -1.22 -5.54 1.47
N ASP A 28 -2.21 -5.84 2.26
CA ASP A 28 -2.16 -7.02 3.12
C ASP A 28 -2.92 -8.18 2.49
N SER A 29 -3.03 -9.27 3.23
CA SER A 29 -3.63 -10.49 2.75
C SER A 29 -5.10 -10.34 2.32
N ARG A 30 -5.79 -9.35 2.88
CA ARG A 30 -7.19 -9.09 2.55
C ARG A 30 -7.32 -8.32 1.24
N LYS A 31 -6.17 -8.05 0.57
CA LYS A 31 -6.09 -7.27 -0.69
C LYS A 31 -6.42 -5.82 -0.40
N VAL A 32 -6.18 -5.43 0.83
CA VAL A 32 -6.46 -4.10 1.29
C VAL A 32 -5.17 -3.36 1.46
N CYS A 33 -5.16 -2.14 1.02
CA CYS A 33 -4.02 -1.30 1.18
C CYS A 33 -4.04 -0.59 2.51
N ASN A 34 -2.99 -0.79 3.26
CA ASN A 34 -2.86 -0.22 4.57
C ASN A 34 -1.69 0.70 4.56
N CYS A 35 -1.82 1.81 5.15
CA CYS A 35 -0.73 2.72 5.29
C CYS A 35 -0.43 2.89 6.76
N ARG A 36 0.83 2.74 7.13
CA ARG A 36 1.27 2.84 8.51
C ARG A 36 2.73 2.50 8.62
N ARG A 37 3.06 1.33 8.12
CA ARG A 37 4.35 0.77 8.33
C ARG A 37 5.38 1.27 7.34
N GLY A 1 -6.38 4.70 -8.39
CA GLY A 1 -6.53 4.31 -7.01
C GLY A 1 -5.59 3.20 -6.66
N ILE A 2 -5.65 2.73 -5.44
CA ILE A 2 -4.79 1.67 -5.00
C ILE A 2 -5.47 0.33 -5.19
N THR A 3 -4.74 -0.60 -5.70
CA THR A 3 -5.24 -1.89 -6.05
C THR A 3 -4.14 -2.91 -5.73
N CYS A 4 -4.52 -4.10 -5.40
CA CYS A 4 -3.56 -5.09 -5.06
C CYS A 4 -3.46 -6.17 -6.10
N ASP A 5 -2.29 -6.33 -6.62
CA ASP A 5 -1.92 -7.44 -7.45
C ASP A 5 -0.89 -8.22 -6.67
N LEU A 6 -0.07 -7.47 -5.96
CA LEU A 6 0.94 -7.99 -5.13
C LEU A 6 0.55 -7.71 -3.69
N ILE A 7 1.08 -8.47 -2.82
CA ILE A 7 0.86 -8.34 -1.41
C ILE A 7 2.19 -7.97 -0.79
N GLY A 8 2.23 -6.83 -0.12
CA GLY A 8 3.48 -6.33 0.44
C GLY A 8 4.37 -5.65 -0.59
N ASN A 9 4.49 -6.26 -1.76
CA ASN A 9 5.39 -5.79 -2.85
C ASN A 9 4.65 -4.84 -3.74
N GLU A 10 3.52 -4.44 -3.28
CA GLU A 10 2.62 -3.65 -4.01
C GLU A 10 2.96 -2.16 -3.85
N ARG A 11 4.10 -1.80 -4.42
CA ARG A 11 4.65 -0.44 -4.36
C ARG A 11 3.74 0.57 -5.05
N LEU A 12 2.96 0.09 -6.01
CA LEU A 12 2.00 0.93 -6.72
C LEU A 12 0.91 1.39 -5.77
N CYS A 13 0.75 0.65 -4.70
CA CYS A 13 -0.16 1.02 -3.65
C CYS A 13 0.58 1.92 -2.63
N VAL A 14 1.81 1.52 -2.29
CA VAL A 14 2.67 2.21 -1.30
C VAL A 14 2.84 3.69 -1.63
N VAL A 15 2.92 4.02 -2.93
CA VAL A 15 3.08 5.39 -3.40
C VAL A 15 1.98 6.32 -2.83
N HIS A 16 0.78 5.78 -2.61
CA HIS A 16 -0.35 6.53 -2.06
C HIS A 16 -0.09 6.89 -0.62
N CYS A 17 0.41 5.95 0.12
CA CYS A 17 0.71 6.16 1.52
C CYS A 17 1.82 7.19 1.66
N LEU A 18 2.80 7.10 0.78
CA LEU A 18 3.90 8.05 0.77
C LEU A 18 3.41 9.44 0.36
N ALA A 19 2.39 9.48 -0.49
CA ALA A 19 1.78 10.74 -0.91
C ALA A 19 1.02 11.37 0.24
N LYS A 20 0.31 10.54 0.99
CA LYS A 20 -0.44 10.98 2.18
C LYS A 20 0.51 11.45 3.28
N GLY A 21 1.71 10.91 3.27
CA GLY A 21 2.71 11.34 4.23
C GLY A 21 3.01 10.27 5.24
N PHE A 22 2.66 9.06 4.89
CA PHE A 22 2.89 7.92 5.73
C PHE A 22 4.27 7.41 5.58
N ARG A 23 4.71 6.66 6.58
CA ARG A 23 6.00 5.98 6.55
C ARG A 23 6.02 5.05 5.37
N GLY A 24 4.85 4.58 5.00
CA GLY A 24 4.73 3.72 3.89
C GLY A 24 3.44 3.00 3.93
N GLY A 25 3.29 2.03 3.10
CA GLY A 25 2.07 1.32 3.01
C GLY A 25 2.29 -0.04 2.48
N TRP A 26 1.29 -0.85 2.51
CA TRP A 26 1.39 -2.20 2.04
C TRP A 26 0.02 -2.74 1.81
N CYS A 27 -0.07 -3.77 1.07
CA CYS A 27 -1.31 -4.45 0.89
C CYS A 27 -1.22 -5.71 1.69
N ASP A 28 -2.24 -6.02 2.45
CA ASP A 28 -2.21 -7.21 3.28
C ASP A 28 -2.93 -8.37 2.58
N SER A 29 -2.99 -9.52 3.23
CA SER A 29 -3.56 -10.74 2.67
C SER A 29 -5.05 -10.61 2.28
N ARG A 30 -5.75 -9.60 2.79
CA ARG A 30 -7.16 -9.38 2.44
C ARG A 30 -7.27 -8.67 1.09
N LYS A 31 -6.12 -8.32 0.49
CA LYS A 31 -6.06 -7.55 -0.77
C LYS A 31 -6.49 -6.12 -0.52
N VAL A 32 -6.25 -5.67 0.69
CA VAL A 32 -6.59 -4.33 1.11
C VAL A 32 -5.33 -3.56 1.34
N CYS A 33 -5.32 -2.36 0.87
CA CYS A 33 -4.22 -1.49 1.07
C CYS A 33 -4.30 -0.81 2.43
N ASN A 34 -3.19 -0.81 3.14
CA ASN A 34 -3.08 -0.19 4.45
C ASN A 34 -1.88 0.74 4.45
N CYS A 35 -1.97 1.84 5.15
CA CYS A 35 -0.84 2.77 5.25
C CYS A 35 -0.38 2.87 6.70
N ARG A 36 0.95 2.68 6.94
CA ARG A 36 1.55 2.79 8.28
C ARG A 36 3.01 2.34 8.25
N ARG A 37 3.25 1.24 7.57
CA ARG A 37 4.56 0.61 7.56
C ARG A 37 5.38 1.06 6.41
N GLY A 1 -6.12 4.93 -7.81
CA GLY A 1 -6.81 4.16 -6.77
C GLY A 1 -5.97 3.02 -6.32
N ILE A 2 -5.75 2.92 -5.03
CA ILE A 2 -4.95 1.85 -4.48
C ILE A 2 -5.56 0.48 -4.75
N THR A 3 -4.82 -0.31 -5.46
CA THR A 3 -5.23 -1.60 -5.89
C THR A 3 -4.14 -2.58 -5.49
N CYS A 4 -4.50 -3.76 -5.09
CA CYS A 4 -3.51 -4.71 -4.67
C CYS A 4 -3.48 -5.92 -5.55
N ASP A 5 -2.49 -5.95 -6.38
CA ASP A 5 -2.23 -7.08 -7.21
C ASP A 5 -1.25 -7.95 -6.47
N LEU A 6 -0.34 -7.28 -5.79
CA LEU A 6 0.64 -7.90 -4.98
C LEU A 6 0.35 -7.57 -3.52
N ILE A 7 0.86 -8.38 -2.66
CA ILE A 7 0.75 -8.19 -1.24
C ILE A 7 2.09 -7.73 -0.71
N GLY A 8 2.11 -6.56 -0.12
CA GLY A 8 3.34 -6.00 0.45
C GLY A 8 4.28 -5.39 -0.59
N ASN A 9 4.41 -6.08 -1.72
CA ASN A 9 5.34 -5.71 -2.81
C ASN A 9 4.65 -4.78 -3.76
N GLU A 10 3.49 -4.38 -3.35
CA GLU A 10 2.63 -3.58 -4.13
C GLU A 10 3.03 -2.11 -4.05
N ARG A 11 4.10 -1.81 -4.73
CA ARG A 11 4.72 -0.50 -4.80
C ARG A 11 3.75 0.58 -5.28
N LEU A 12 2.84 0.19 -6.17
CA LEU A 12 1.82 1.12 -6.68
C LEU A 12 0.88 1.56 -5.57
N CYS A 13 0.80 0.77 -4.53
CA CYS A 13 0.03 1.11 -3.38
C CYS A 13 0.87 1.94 -2.41
N VAL A 14 2.09 1.46 -2.15
CA VAL A 14 3.03 2.09 -1.20
C VAL A 14 3.25 3.57 -1.53
N VAL A 15 3.43 3.85 -2.82
CA VAL A 15 3.67 5.21 -3.31
C VAL A 15 2.54 6.17 -2.91
N HIS A 16 1.31 5.65 -2.83
CA HIS A 16 0.15 6.46 -2.48
C HIS A 16 0.19 6.80 -1.00
N CYS A 17 0.57 5.84 -0.20
CA CYS A 17 0.70 6.06 1.23
C CYS A 17 1.80 7.10 1.48
N LEU A 18 2.88 6.98 0.72
CA LEU A 18 4.00 7.92 0.82
C LEU A 18 3.55 9.31 0.37
N ALA A 19 2.64 9.35 -0.60
CA ALA A 19 2.08 10.62 -1.09
C ALA A 19 1.23 11.27 -0.02
N LYS A 20 0.37 10.47 0.63
CA LYS A 20 -0.48 10.98 1.70
C LYS A 20 0.33 11.39 2.92
N GLY A 21 1.51 10.82 3.06
CA GLY A 21 2.37 11.24 4.13
C GLY A 21 2.64 10.15 5.12
N PHE A 22 2.23 8.97 4.77
CA PHE A 22 2.44 7.81 5.59
C PHE A 22 3.85 7.34 5.50
N ARG A 23 4.28 6.65 6.54
CA ARG A 23 5.62 6.09 6.59
C ARG A 23 5.75 4.95 5.60
N GLY A 24 4.62 4.51 5.09
CA GLY A 24 4.61 3.51 4.07
C GLY A 24 3.26 2.88 3.99
N GLY A 25 3.14 1.89 3.18
CA GLY A 25 1.88 1.24 3.01
C GLY A 25 2.06 -0.12 2.45
N TRP A 26 1.15 -0.99 2.74
CA TRP A 26 1.27 -2.35 2.33
C TRP A 26 -0.09 -2.90 2.04
N CYS A 27 -0.14 -3.82 1.16
CA CYS A 27 -1.32 -4.56 0.97
C CYS A 27 -1.25 -5.75 1.86
N ASP A 28 -2.29 -5.99 2.60
CA ASP A 28 -2.30 -7.11 3.50
C ASP A 28 -2.81 -8.35 2.77
N SER A 29 -2.93 -9.45 3.50
CA SER A 29 -3.34 -10.73 2.95
C SER A 29 -4.69 -10.67 2.19
N ARG A 30 -5.55 -9.75 2.57
CA ARG A 30 -6.88 -9.63 1.95
C ARG A 30 -6.83 -8.78 0.68
N LYS A 31 -5.60 -8.41 0.24
CA LYS A 31 -5.37 -7.57 -0.95
C LYS A 31 -5.93 -6.16 -0.69
N VAL A 32 -5.83 -5.72 0.56
CA VAL A 32 -6.29 -4.40 0.95
C VAL A 32 -5.08 -3.53 1.24
N CYS A 33 -5.12 -2.33 0.73
CA CYS A 33 -4.11 -1.36 0.98
C CYS A 33 -4.27 -0.75 2.35
N ASN A 34 -3.25 -0.79 3.13
CA ASN A 34 -3.24 -0.19 4.44
C ASN A 34 -1.99 0.65 4.52
N CYS A 35 -2.07 1.81 5.08
CA CYS A 35 -0.91 2.67 5.15
C CYS A 35 -0.46 2.86 6.60
N ARG A 36 0.86 2.66 6.83
CA ARG A 36 1.54 2.81 8.14
C ARG A 36 2.94 2.16 8.08
N ARG A 37 3.06 1.12 7.27
CA ARG A 37 4.29 0.34 7.23
C ARG A 37 4.78 0.23 5.81
N GLY A 1 -5.82 5.58 -6.47
CA GLY A 1 -6.32 4.30 -6.94
C GLY A 1 -5.50 3.16 -6.41
N ILE A 2 -5.81 2.72 -5.21
CA ILE A 2 -5.08 1.66 -4.59
C ILE A 2 -5.72 0.31 -4.87
N THR A 3 -4.95 -0.54 -5.48
CA THR A 3 -5.37 -1.85 -5.90
C THR A 3 -4.21 -2.77 -5.64
N CYS A 4 -4.47 -3.97 -5.20
CA CYS A 4 -3.40 -4.86 -4.87
C CYS A 4 -3.36 -6.07 -5.76
N ASP A 5 -2.39 -6.10 -6.61
CA ASP A 5 -2.13 -7.23 -7.45
C ASP A 5 -1.12 -8.08 -6.72
N LEU A 6 -0.23 -7.39 -6.02
CA LEU A 6 0.75 -8.02 -5.20
C LEU A 6 0.40 -7.75 -3.73
N ILE A 7 1.01 -8.49 -2.90
CA ILE A 7 0.82 -8.39 -1.48
C ILE A 7 2.10 -7.86 -0.87
N GLY A 8 2.02 -6.68 -0.33
CA GLY A 8 3.19 -6.03 0.28
C GLY A 8 4.13 -5.39 -0.75
N ASN A 9 4.30 -6.06 -1.87
CA ASN A 9 5.24 -5.64 -2.92
C ASN A 9 4.56 -4.71 -3.88
N GLU A 10 3.42 -4.32 -3.50
CA GLU A 10 2.58 -3.55 -4.30
C GLU A 10 2.91 -2.06 -4.14
N ARG A 11 4.00 -1.69 -4.77
CA ARG A 11 4.51 -0.33 -4.77
C ARG A 11 3.50 0.69 -5.27
N LEU A 12 2.60 0.27 -6.14
CA LEU A 12 1.55 1.15 -6.66
C LEU A 12 0.61 1.58 -5.55
N CYS A 13 0.53 0.77 -4.54
CA CYS A 13 -0.26 1.07 -3.40
C CYS A 13 0.58 1.88 -2.41
N VAL A 14 1.79 1.40 -2.16
CA VAL A 14 2.73 2.01 -1.21
C VAL A 14 3.01 3.49 -1.55
N VAL A 15 3.10 3.77 -2.85
CA VAL A 15 3.39 5.13 -3.33
C VAL A 15 2.27 6.11 -2.92
N HIS A 16 1.05 5.60 -2.76
CA HIS A 16 -0.09 6.41 -2.35
C HIS A 16 0.09 6.83 -0.89
N CYS A 17 0.55 5.89 -0.11
CA CYS A 17 0.79 6.11 1.29
C CYS A 17 1.91 7.14 1.44
N LEU A 18 2.96 6.98 0.65
CA LEU A 18 4.09 7.89 0.68
C LEU A 18 3.68 9.27 0.16
N ALA A 19 2.71 9.28 -0.74
CA ALA A 19 2.18 10.52 -1.29
C ALA A 19 1.49 11.31 -0.22
N LYS A 20 0.63 10.65 0.53
CA LYS A 20 -0.09 11.31 1.61
C LYS A 20 0.84 11.74 2.73
N GLY A 21 1.82 10.93 3.02
CA GLY A 21 2.75 11.27 4.07
C GLY A 21 2.87 10.18 5.10
N PHE A 22 2.68 8.97 4.67
CA PHE A 22 2.80 7.84 5.52
C PHE A 22 4.19 7.34 5.54
N ARG A 23 4.50 6.60 6.57
CA ARG A 23 5.78 5.97 6.69
C ARG A 23 5.86 4.82 5.69
N GLY A 24 4.71 4.40 5.22
CA GLY A 24 4.68 3.38 4.23
C GLY A 24 3.35 2.75 4.14
N GLY A 25 3.22 1.84 3.23
CA GLY A 25 1.99 1.18 3.01
C GLY A 25 2.26 -0.21 2.55
N TRP A 26 1.24 -1.02 2.56
CA TRP A 26 1.37 -2.38 2.14
C TRP A 26 0.00 -2.94 1.87
N CYS A 27 -0.05 -3.92 1.04
CA CYS A 27 -1.24 -4.66 0.84
C CYS A 27 -1.15 -5.86 1.70
N ASP A 28 -2.12 -6.06 2.54
CA ASP A 28 -2.10 -7.21 3.42
C ASP A 28 -2.64 -8.41 2.66
N SER A 29 -2.70 -9.54 3.33
CA SER A 29 -3.11 -10.82 2.75
C SER A 29 -4.51 -10.77 2.07
N ARG A 30 -5.38 -9.87 2.53
CA ARG A 30 -6.73 -9.75 2.01
C ARG A 30 -6.76 -8.87 0.76
N LYS A 31 -5.57 -8.44 0.29
CA LYS A 31 -5.42 -7.54 -0.88
C LYS A 31 -5.92 -6.14 -0.57
N VAL A 32 -5.91 -5.79 0.69
CA VAL A 32 -6.35 -4.50 1.14
C VAL A 32 -5.15 -3.59 1.32
N CYS A 33 -5.27 -2.39 0.82
CA CYS A 33 -4.27 -1.39 0.98
C CYS A 33 -4.36 -0.74 2.34
N ASN A 34 -3.29 -0.79 3.07
CA ASN A 34 -3.23 -0.18 4.37
C ASN A 34 -1.99 0.69 4.40
N CYS A 35 -2.12 1.88 4.89
CA CYS A 35 -0.97 2.76 5.02
C CYS A 35 -0.74 3.05 6.47
N ARG A 36 0.49 2.89 6.93
CA ARG A 36 0.86 3.14 8.33
C ARG A 36 2.29 2.74 8.57
N ARG A 37 2.56 1.47 8.36
CA ARG A 37 3.81 0.85 8.72
C ARG A 37 4.95 1.26 7.79
N GLY A 1 -6.43 3.97 -8.67
CA GLY A 1 -6.60 3.92 -7.22
C GLY A 1 -5.68 2.92 -6.61
N ILE A 2 -5.93 2.53 -5.39
CA ILE A 2 -5.11 1.56 -4.72
C ILE A 2 -5.66 0.16 -4.91
N THR A 3 -4.87 -0.64 -5.54
CA THR A 3 -5.22 -1.99 -5.91
C THR A 3 -4.04 -2.85 -5.58
N CYS A 4 -4.25 -4.11 -5.31
CA CYS A 4 -3.18 -4.95 -4.93
C CYS A 4 -3.01 -6.13 -5.84
N ASP A 5 -2.08 -6.03 -6.76
CA ASP A 5 -1.75 -7.16 -7.60
C ASP A 5 -0.75 -7.97 -6.83
N LEU A 6 0.08 -7.26 -6.12
CA LEU A 6 1.05 -7.82 -5.27
C LEU A 6 0.63 -7.55 -3.83
N ILE A 7 1.00 -8.39 -2.96
CA ILE A 7 0.72 -8.21 -1.56
C ILE A 7 1.98 -7.75 -0.88
N GLY A 8 1.92 -6.57 -0.31
CA GLY A 8 3.07 -6.02 0.40
C GLY A 8 4.06 -5.35 -0.53
N ASN A 9 4.33 -5.98 -1.66
CA ASN A 9 5.34 -5.54 -2.65
C ASN A 9 4.70 -4.60 -3.64
N GLU A 10 3.53 -4.21 -3.31
CA GLU A 10 2.73 -3.46 -4.18
C GLU A 10 3.02 -1.98 -4.04
N ARG A 11 4.11 -1.59 -4.65
CA ARG A 11 4.58 -0.21 -4.65
C ARG A 11 3.57 0.77 -5.28
N LEU A 12 2.67 0.24 -6.11
CA LEU A 12 1.61 1.06 -6.71
C LEU A 12 0.61 1.45 -5.63
N CYS A 13 0.56 0.66 -4.60
CA CYS A 13 -0.26 0.93 -3.47
C CYS A 13 0.51 1.81 -2.48
N VAL A 14 1.75 1.40 -2.20
CA VAL A 14 2.64 2.08 -1.24
C VAL A 14 2.81 3.57 -1.58
N VAL A 15 2.88 3.89 -2.88
CA VAL A 15 3.05 5.27 -3.34
C VAL A 15 1.93 6.19 -2.81
N HIS A 16 0.74 5.63 -2.61
CA HIS A 16 -0.38 6.40 -2.09
C HIS A 16 -0.10 6.83 -0.65
N CYS A 17 0.39 5.89 0.11
CA CYS A 17 0.72 6.13 1.50
C CYS A 17 1.88 7.14 1.59
N LEU A 18 2.84 6.99 0.70
CA LEU A 18 4.01 7.86 0.65
C LEU A 18 3.63 9.27 0.19
N ALA A 19 2.62 9.35 -0.66
CA ALA A 19 2.11 10.62 -1.12
C ALA A 19 1.36 11.34 -0.02
N LYS A 20 0.58 10.57 0.75
CA LYS A 20 -0.18 11.13 1.85
C LYS A 20 0.72 11.54 3.01
N GLY A 21 1.85 10.87 3.14
CA GLY A 21 2.79 11.26 4.16
C GLY A 21 2.97 10.21 5.21
N PHE A 22 2.65 8.99 4.87
CA PHE A 22 2.82 7.87 5.75
C PHE A 22 4.24 7.39 5.76
N ARG A 23 4.54 6.52 6.69
CA ARG A 23 5.85 5.92 6.75
C ARG A 23 5.94 4.89 5.65
N GLY A 24 4.78 4.47 5.19
CA GLY A 24 4.71 3.54 4.12
C GLY A 24 3.39 2.87 4.05
N GLY A 25 3.28 1.89 3.20
CA GLY A 25 2.04 1.21 3.00
C GLY A 25 2.27 -0.18 2.55
N TRP A 26 1.24 -0.98 2.60
CA TRP A 26 1.35 -2.35 2.20
C TRP A 26 -0.04 -2.91 1.99
N CYS A 27 -0.13 -3.89 1.17
CA CYS A 27 -1.35 -4.60 1.04
C CYS A 27 -1.28 -5.77 1.98
N ASP A 28 -2.33 -5.99 2.70
CA ASP A 28 -2.37 -7.14 3.58
C ASP A 28 -2.94 -8.32 2.81
N SER A 29 -3.09 -9.45 3.45
CA SER A 29 -3.56 -10.67 2.81
C SER A 29 -4.97 -10.55 2.23
N ARG A 30 -5.76 -9.59 2.70
CA ARG A 30 -7.11 -9.38 2.20
C ARG A 30 -7.08 -8.51 0.94
N LYS A 31 -5.87 -8.21 0.42
CA LYS A 31 -5.68 -7.37 -0.78
C LYS A 31 -6.07 -5.91 -0.49
N VAL A 32 -6.11 -5.56 0.76
CA VAL A 32 -6.48 -4.22 1.15
C VAL A 32 -5.23 -3.40 1.34
N CYS A 33 -5.27 -2.19 0.84
CA CYS A 33 -4.20 -1.26 0.98
C CYS A 33 -4.22 -0.60 2.34
N ASN A 34 -3.18 -0.81 3.08
CA ASN A 34 -3.06 -0.26 4.42
C ASN A 34 -1.87 0.66 4.42
N CYS A 35 -1.98 1.77 5.09
CA CYS A 35 -0.88 2.70 5.19
C CYS A 35 -0.42 2.83 6.64
N ARG A 36 0.89 2.61 6.87
CA ARG A 36 1.54 2.76 8.17
C ARG A 36 3.00 2.28 8.09
N ARG A 37 3.19 1.05 7.62
CA ARG A 37 4.51 0.40 7.62
C ARG A 37 5.40 0.95 6.52
N GLY A 1 -4.27 4.84 -7.64
CA GLY A 1 -5.27 4.13 -6.89
C GLY A 1 -4.75 2.85 -6.32
N ILE A 2 -4.98 2.63 -5.04
CA ILE A 2 -4.53 1.43 -4.36
C ILE A 2 -5.19 0.19 -4.93
N THR A 3 -4.38 -0.66 -5.46
CA THR A 3 -4.77 -1.88 -6.07
C THR A 3 -3.81 -2.93 -5.53
N CYS A 4 -4.18 -4.17 -5.55
CA CYS A 4 -3.27 -5.18 -5.09
C CYS A 4 -3.03 -6.22 -6.17
N ASP A 5 -2.03 -5.98 -6.96
CA ASP A 5 -1.61 -6.90 -8.00
C ASP A 5 -0.65 -7.88 -7.36
N LEU A 6 0.11 -7.35 -6.42
CA LEU A 6 1.00 -8.09 -5.60
C LEU A 6 0.81 -7.62 -4.17
N ILE A 7 1.38 -8.31 -3.26
CA ILE A 7 1.36 -7.93 -1.88
C ILE A 7 2.79 -7.67 -1.43
N GLY A 8 3.01 -6.55 -0.76
CA GLY A 8 4.34 -6.20 -0.26
C GLY A 8 5.16 -5.48 -1.33
N ASN A 9 5.16 -6.03 -2.52
CA ASN A 9 5.91 -5.50 -3.66
C ASN A 9 5.05 -4.56 -4.43
N GLU A 10 3.92 -4.28 -3.87
CA GLU A 10 2.91 -3.48 -4.45
C GLU A 10 3.21 -2.00 -4.22
N ARG A 11 4.20 -1.55 -4.94
CA ARG A 11 4.71 -0.20 -4.87
C ARG A 11 3.65 0.82 -5.25
N LEU A 12 2.76 0.43 -6.12
CA LEU A 12 1.67 1.30 -6.55
C LEU A 12 0.65 1.50 -5.42
N CYS A 13 0.67 0.63 -4.45
CA CYS A 13 -0.14 0.82 -3.27
C CYS A 13 0.60 1.74 -2.32
N VAL A 14 1.89 1.42 -2.10
CA VAL A 14 2.77 2.15 -1.17
C VAL A 14 2.83 3.64 -1.53
N VAL A 15 2.86 3.93 -2.82
CA VAL A 15 2.97 5.29 -3.30
C VAL A 15 1.77 6.16 -2.86
N HIS A 16 0.61 5.53 -2.65
CA HIS A 16 -0.56 6.26 -2.16
C HIS A 16 -0.30 6.71 -0.74
N CYS A 17 0.26 5.83 0.02
CA CYS A 17 0.61 6.11 1.39
C CYS A 17 1.70 7.17 1.44
N LEU A 18 2.64 7.10 0.50
CA LEU A 18 3.71 8.08 0.41
C LEU A 18 3.16 9.43 -0.01
N ALA A 19 2.10 9.43 -0.81
CA ALA A 19 1.45 10.66 -1.23
C ALA A 19 0.68 11.26 -0.06
N LYS A 20 0.11 10.40 0.76
CA LYS A 20 -0.60 10.84 1.97
C LYS A 20 0.36 11.38 3.01
N GLY A 21 1.55 10.82 3.06
CA GLY A 21 2.55 11.25 4.02
C GLY A 21 2.80 10.19 5.05
N PHE A 22 2.67 8.95 4.64
CA PHE A 22 2.86 7.81 5.49
C PHE A 22 4.21 7.21 5.34
N ARG A 23 4.61 6.49 6.37
CA ARG A 23 5.85 5.76 6.43
C ARG A 23 5.85 4.64 5.37
N GLY A 24 4.67 4.23 4.96
CA GLY A 24 4.58 3.23 3.94
C GLY A 24 3.24 2.60 3.93
N GLY A 25 3.04 1.72 2.97
CA GLY A 25 1.78 1.09 2.81
C GLY A 25 1.94 -0.30 2.32
N TRP A 26 0.95 -1.11 2.48
CA TRP A 26 1.03 -2.50 2.12
C TRP A 26 -0.36 -3.07 1.97
N CYS A 27 -0.49 -4.05 1.12
CA CYS A 27 -1.69 -4.82 1.06
C CYS A 27 -1.59 -5.89 2.12
N ASP A 28 -2.63 -6.11 2.85
CA ASP A 28 -2.63 -7.19 3.81
C ASP A 28 -3.38 -8.36 3.16
N SER A 29 -3.56 -9.44 3.90
CA SER A 29 -4.21 -10.66 3.39
C SER A 29 -5.66 -10.40 2.90
N ARG A 30 -6.27 -9.32 3.35
CA ARG A 30 -7.64 -9.01 2.95
C ARG A 30 -7.67 -8.24 1.63
N LYS A 31 -6.49 -8.03 1.01
CA LYS A 31 -6.33 -7.27 -0.27
C LYS A 31 -6.54 -5.77 -0.03
N VAL A 32 -6.53 -5.39 1.22
CA VAL A 32 -6.73 -4.03 1.60
C VAL A 32 -5.40 -3.34 1.75
N CYS A 33 -5.30 -2.18 1.18
CA CYS A 33 -4.14 -1.36 1.32
C CYS A 33 -4.24 -0.56 2.58
N ASN A 34 -3.23 -0.65 3.37
CA ASN A 34 -3.18 0.06 4.62
C ASN A 34 -1.93 0.90 4.59
N CYS A 35 -1.96 2.02 5.23
CA CYS A 35 -0.81 2.89 5.32
C CYS A 35 -0.37 2.99 6.77
N ARG A 36 0.90 2.62 7.07
CA ARG A 36 1.43 2.66 8.45
C ARG A 36 2.86 2.11 8.47
N ARG A 37 3.03 0.92 7.92
CA ARG A 37 4.27 0.18 8.01
C ARG A 37 5.35 0.77 7.12
N GLY A 1 -6.04 4.49 -8.63
CA GLY A 1 -6.68 3.95 -7.45
C GLY A 1 -5.86 2.83 -6.87
N ILE A 2 -5.98 2.63 -5.58
CA ILE A 2 -5.23 1.61 -4.91
C ILE A 2 -5.79 0.22 -5.23
N THR A 3 -4.94 -0.60 -5.76
CA THR A 3 -5.29 -1.93 -6.22
C THR A 3 -4.15 -2.87 -5.82
N CYS A 4 -4.47 -4.01 -5.29
CA CYS A 4 -3.45 -4.92 -4.85
C CYS A 4 -3.24 -6.07 -5.80
N ASP A 5 -2.10 -6.08 -6.42
CA ASP A 5 -1.68 -7.19 -7.22
C ASP A 5 -0.77 -8.02 -6.37
N LEU A 6 0.18 -7.36 -5.75
CA LEU A 6 1.08 -7.99 -4.85
C LEU A 6 0.72 -7.64 -3.43
N ILE A 7 1.23 -8.40 -2.55
CA ILE A 7 1.07 -8.22 -1.12
C ILE A 7 2.38 -7.68 -0.60
N GLY A 8 2.32 -6.57 0.11
CA GLY A 8 3.52 -5.93 0.64
C GLY A 8 4.34 -5.16 -0.41
N ASN A 9 4.54 -5.78 -1.56
CA ASN A 9 5.45 -5.25 -2.60
C ASN A 9 4.67 -4.51 -3.63
N GLU A 10 3.51 -4.14 -3.26
CA GLU A 10 2.62 -3.50 -4.12
C GLU A 10 2.90 -1.99 -4.13
N ARG A 11 3.97 -1.66 -4.82
CA ARG A 11 4.49 -0.31 -4.95
C ARG A 11 3.45 0.66 -5.49
N LEU A 12 2.58 0.17 -6.36
CA LEU A 12 1.55 1.00 -6.94
C LEU A 12 0.53 1.40 -5.89
N CYS A 13 0.47 0.66 -4.82
CA CYS A 13 -0.34 1.01 -3.68
C CYS A 13 0.46 1.91 -2.74
N VAL A 14 1.70 1.47 -2.42
CA VAL A 14 2.61 2.14 -1.46
C VAL A 14 2.79 3.63 -1.77
N VAL A 15 2.91 3.97 -3.06
CA VAL A 15 3.09 5.36 -3.52
C VAL A 15 2.02 6.32 -2.94
N HIS A 16 0.82 5.79 -2.71
CA HIS A 16 -0.29 6.55 -2.13
C HIS A 16 0.01 6.90 -0.69
N CYS A 17 0.48 5.94 0.05
CA CYS A 17 0.81 6.12 1.45
C CYS A 17 1.99 7.07 1.59
N LEU A 18 2.92 6.97 0.66
CA LEU A 18 4.07 7.85 0.62
C LEU A 18 3.62 9.26 0.27
N ALA A 19 2.56 9.36 -0.50
CA ALA A 19 1.97 10.63 -0.83
C ALA A 19 1.23 11.22 0.36
N LYS A 20 0.57 10.37 1.12
CA LYS A 20 -0.16 10.80 2.32
C LYS A 20 0.81 11.22 3.41
N GLY A 21 2.01 10.66 3.38
CA GLY A 21 3.02 11.04 4.34
C GLY A 21 3.23 9.98 5.38
N PHE A 22 2.89 8.77 5.01
CA PHE A 22 3.01 7.62 5.87
C PHE A 22 4.38 7.02 5.81
N ARG A 23 4.67 6.15 6.80
CA ARG A 23 5.90 5.37 6.85
C ARG A 23 5.98 4.48 5.63
N GLY A 24 4.83 4.14 5.14
CA GLY A 24 4.73 3.35 3.99
C GLY A 24 3.37 2.75 3.92
N GLY A 25 3.18 1.93 2.96
CA GLY A 25 1.92 1.31 2.78
C GLY A 25 2.14 -0.06 2.31
N TRP A 26 1.14 -0.85 2.37
CA TRP A 26 1.26 -2.21 1.98
C TRP A 26 -0.10 -2.77 1.70
N CYS A 27 -0.14 -3.71 0.82
CA CYS A 27 -1.30 -4.49 0.63
C CYS A 27 -1.19 -5.66 1.52
N ASP A 28 -2.14 -5.82 2.37
CA ASP A 28 -2.17 -6.92 3.30
C ASP A 28 -2.64 -8.19 2.57
N SER A 29 -2.72 -9.28 3.26
CA SER A 29 -3.13 -10.56 2.73
C SER A 29 -4.58 -10.47 2.32
N ARG A 30 -5.30 -9.63 3.06
CA ARG A 30 -6.71 -9.38 2.85
C ARG A 30 -6.93 -8.48 1.62
N LYS A 31 -5.84 -8.18 0.90
CA LYS A 31 -5.84 -7.40 -0.36
C LYS A 31 -6.29 -5.98 -0.14
N VAL A 32 -6.10 -5.52 1.06
CA VAL A 32 -6.48 -4.19 1.45
C VAL A 32 -5.26 -3.30 1.42
N CYS A 33 -5.41 -2.17 0.80
CA CYS A 33 -4.39 -1.16 0.79
C CYS A 33 -4.41 -0.40 2.09
N ASN A 34 -3.39 -0.61 2.87
CA ASN A 34 -3.30 0.06 4.14
C ASN A 34 -2.08 0.92 4.17
N CYS A 35 -2.17 2.03 4.84
CA CYS A 35 -1.05 2.92 5.01
C CYS A 35 -0.67 2.98 6.47
N ARG A 36 0.59 2.62 6.79
CA ARG A 36 1.11 2.61 8.17
C ARG A 36 2.51 1.98 8.22
N ARG A 37 2.68 0.88 7.49
CA ARG A 37 3.91 0.10 7.53
C ARG A 37 4.92 0.62 6.54
N GLY A 1 -4.96 4.48 -7.85
CA GLY A 1 -5.31 4.34 -6.44
C GLY A 1 -4.74 3.06 -5.90
N ILE A 2 -5.03 2.78 -4.65
CA ILE A 2 -4.50 1.59 -4.02
C ILE A 2 -5.32 0.35 -4.34
N THR A 3 -4.68 -0.56 -5.00
CA THR A 3 -5.26 -1.82 -5.41
C THR A 3 -4.15 -2.86 -5.29
N CYS A 4 -4.46 -4.06 -4.92
CA CYS A 4 -3.41 -5.04 -4.74
C CYS A 4 -3.34 -6.05 -5.86
N ASP A 5 -2.43 -5.83 -6.76
CA ASP A 5 -2.16 -6.76 -7.84
C ASP A 5 -1.02 -7.65 -7.38
N LEU A 6 -0.13 -7.04 -6.64
CA LEU A 6 0.96 -7.71 -6.00
C LEU A 6 0.78 -7.51 -4.53
N ILE A 7 1.19 -8.45 -3.75
CA ILE A 7 1.12 -8.33 -2.35
C ILE A 7 2.46 -7.86 -1.82
N GLY A 8 2.43 -6.69 -1.25
CA GLY A 8 3.64 -6.10 -0.63
C GLY A 8 4.58 -5.46 -1.64
N ASN A 9 4.72 -6.09 -2.78
CA ASN A 9 5.61 -5.62 -3.88
C ASN A 9 4.88 -4.60 -4.70
N GLU A 10 3.73 -4.28 -4.23
CA GLU A 10 2.81 -3.41 -4.84
C GLU A 10 3.18 -1.96 -4.56
N ARG A 11 4.24 -1.54 -5.22
CA ARG A 11 4.79 -0.19 -5.08
C ARG A 11 3.77 0.88 -5.45
N LEU A 12 2.89 0.55 -6.40
CA LEU A 12 1.84 1.47 -6.82
C LEU A 12 0.84 1.74 -5.70
N CYS A 13 0.83 0.87 -4.71
CA CYS A 13 0.01 1.06 -3.54
C CYS A 13 0.79 1.91 -2.55
N VAL A 14 2.03 1.48 -2.29
CA VAL A 14 2.93 2.12 -1.31
C VAL A 14 3.10 3.62 -1.62
N VAL A 15 3.22 3.95 -2.90
CA VAL A 15 3.43 5.32 -3.34
C VAL A 15 2.25 6.25 -2.94
N HIS A 16 1.06 5.69 -2.82
CA HIS A 16 -0.11 6.47 -2.41
C HIS A 16 0.03 6.86 -0.95
N CYS A 17 0.51 5.93 -0.18
CA CYS A 17 0.75 6.12 1.23
C CYS A 17 1.85 7.15 1.41
N LEU A 18 2.90 7.01 0.60
CA LEU A 18 4.05 7.91 0.66
C LEU A 18 3.64 9.33 0.24
N ALA A 19 2.65 9.42 -0.66
CA ALA A 19 2.11 10.70 -1.10
C ALA A 19 1.34 11.35 0.03
N LYS A 20 0.54 10.56 0.73
CA LYS A 20 -0.22 11.06 1.88
C LYS A 20 0.69 11.38 3.06
N GLY A 21 1.88 10.84 3.05
CA GLY A 21 2.85 11.20 4.06
C GLY A 21 3.14 10.08 5.00
N PHE A 22 2.65 8.92 4.66
CA PHE A 22 2.87 7.73 5.44
C PHE A 22 4.25 7.21 5.25
N ARG A 23 4.68 6.42 6.20
CA ARG A 23 5.95 5.74 6.09
C ARG A 23 5.78 4.63 5.08
N GLY A 24 4.53 4.20 4.89
CA GLY A 24 4.30 3.20 3.91
C GLY A 24 3.00 2.49 4.04
N GLY A 25 2.75 1.72 3.02
CA GLY A 25 1.55 1.01 2.87
C GLY A 25 1.82 -0.35 2.32
N TRP A 26 0.94 -1.28 2.60
CA TRP A 26 1.13 -2.65 2.23
C TRP A 26 -0.21 -3.30 2.07
N CYS A 27 -0.25 -4.33 1.27
CA CYS A 27 -1.41 -5.14 1.15
C CYS A 27 -1.36 -6.21 2.20
N ASP A 28 -2.37 -6.27 3.04
CA ASP A 28 -2.42 -7.28 4.07
C ASP A 28 -3.06 -8.55 3.50
N SER A 29 -3.32 -9.53 4.35
CA SER A 29 -3.86 -10.82 3.96
C SER A 29 -5.24 -10.72 3.25
N ARG A 30 -5.96 -9.65 3.52
CA ARG A 30 -7.28 -9.43 2.93
C ARG A 30 -7.16 -8.70 1.59
N LYS A 31 -5.92 -8.49 1.12
CA LYS A 31 -5.62 -7.80 -0.16
C LYS A 31 -6.01 -6.32 -0.08
N VAL A 32 -6.00 -5.80 1.11
CA VAL A 32 -6.33 -4.42 1.35
C VAL A 32 -5.07 -3.62 1.53
N CYS A 33 -5.01 -2.49 0.87
CA CYS A 33 -3.92 -1.58 1.06
C CYS A 33 -4.12 -0.79 2.32
N ASN A 34 -3.20 -0.93 3.21
CA ASN A 34 -3.23 -0.19 4.43
C ASN A 34 -2.03 0.68 4.43
N CYS A 35 -2.19 1.91 4.76
CA CYS A 35 -1.08 2.80 4.92
C CYS A 35 -1.09 3.17 6.36
N ARG A 36 0.00 2.90 7.07
CA ARG A 36 -0.02 3.11 8.54
C ARG A 36 1.28 2.70 9.19
N ARG A 37 2.03 1.83 8.56
CA ARG A 37 3.19 1.33 9.20
C ARG A 37 4.44 2.11 8.79
N GLY A 1 -9.74 3.54 -5.48
CA GLY A 1 -8.62 4.04 -6.25
C GLY A 1 -7.47 3.09 -6.27
N ILE A 2 -6.84 2.89 -5.12
CA ILE A 2 -5.70 1.99 -5.03
C ILE A 2 -6.12 0.53 -5.13
N THR A 3 -5.29 -0.26 -5.73
CA THR A 3 -5.57 -1.65 -6.00
C THR A 3 -4.34 -2.48 -5.69
N CYS A 4 -4.54 -3.68 -5.20
CA CYS A 4 -3.46 -4.56 -4.92
C CYS A 4 -3.42 -5.69 -5.90
N ASP A 5 -2.33 -5.82 -6.59
CA ASP A 5 -2.13 -6.94 -7.46
C ASP A 5 -1.28 -7.92 -6.70
N LEU A 6 -0.24 -7.40 -6.09
CA LEU A 6 0.63 -8.18 -5.29
C LEU A 6 0.38 -7.87 -3.83
N ILE A 7 0.96 -8.65 -3.01
CA ILE A 7 0.92 -8.51 -1.59
C ILE A 7 2.32 -8.19 -1.13
N GLY A 8 2.46 -7.17 -0.30
CA GLY A 8 3.77 -6.76 0.22
C GLY A 8 4.65 -6.02 -0.80
N ASN A 9 4.60 -6.43 -2.04
CA ASN A 9 5.49 -5.92 -3.10
C ASN A 9 4.75 -4.95 -3.99
N GLU A 10 3.62 -4.54 -3.53
CA GLU A 10 2.75 -3.70 -4.29
C GLU A 10 3.11 -2.22 -4.10
N ARG A 11 4.30 -1.87 -4.57
CA ARG A 11 4.87 -0.52 -4.43
C ARG A 11 4.05 0.53 -5.16
N LEU A 12 3.33 0.10 -6.18
CA LEU A 12 2.44 0.98 -6.91
C LEU A 12 1.30 1.47 -6.02
N CYS A 13 0.99 0.73 -5.00
CA CYS A 13 0.04 1.21 -4.04
C CYS A 13 0.77 2.03 -2.97
N VAL A 14 1.95 1.53 -2.56
CA VAL A 14 2.79 2.15 -1.52
C VAL A 14 3.07 3.63 -1.81
N VAL A 15 3.23 3.96 -3.09
CA VAL A 15 3.50 5.33 -3.53
C VAL A 15 2.42 6.32 -3.01
N HIS A 16 1.18 5.83 -2.89
CA HIS A 16 0.07 6.65 -2.38
C HIS A 16 0.32 7.00 -0.91
N CYS A 17 0.76 6.03 -0.16
CA CYS A 17 1.03 6.21 1.25
C CYS A 17 2.22 7.18 1.42
N LEU A 18 3.21 7.03 0.55
CA LEU A 18 4.40 7.87 0.59
C LEU A 18 4.06 9.30 0.16
N ALA A 19 3.08 9.43 -0.73
CA ALA A 19 2.61 10.72 -1.19
C ALA A 19 1.82 11.41 -0.09
N LYS A 20 1.10 10.62 0.71
CA LYS A 20 0.38 11.17 1.84
C LYS A 20 1.32 11.53 2.96
N GLY A 21 2.41 10.83 3.04
CA GLY A 21 3.39 11.14 4.05
C GLY A 21 3.38 10.12 5.14
N PHE A 22 2.94 8.93 4.81
CA PHE A 22 2.92 7.82 5.72
C PHE A 22 4.28 7.17 5.74
N ARG A 23 4.53 6.37 6.76
CA ARG A 23 5.81 5.69 6.89
C ARG A 23 5.82 4.54 5.92
N GLY A 24 4.62 4.16 5.51
CA GLY A 24 4.49 3.18 4.52
C GLY A 24 3.13 2.56 4.42
N GLY A 25 2.97 1.88 3.33
CA GLY A 25 1.79 1.24 2.98
C GLY A 25 2.11 -0.05 2.36
N TRP A 26 1.21 -0.98 2.45
CA TRP A 26 1.43 -2.30 1.91
C TRP A 26 0.13 -3.00 1.76
N CYS A 27 0.09 -3.87 0.82
CA CYS A 27 -1.04 -4.71 0.65
C CYS A 27 -0.86 -5.91 1.50
N ASP A 28 -1.79 -6.14 2.36
CA ASP A 28 -1.72 -7.28 3.25
C ASP A 28 -2.41 -8.47 2.60
N SER A 29 -2.53 -9.57 3.33
CA SER A 29 -3.09 -10.82 2.84
C SER A 29 -4.55 -10.67 2.36
N ARG A 30 -5.25 -9.66 2.85
CA ARG A 30 -6.64 -9.43 2.47
C ARG A 30 -6.74 -8.64 1.16
N LYS A 31 -5.57 -8.35 0.53
CA LYS A 31 -5.48 -7.58 -0.73
C LYS A 31 -5.86 -6.11 -0.48
N VAL A 32 -5.73 -5.70 0.75
CA VAL A 32 -6.04 -4.35 1.13
C VAL A 32 -4.78 -3.53 1.20
N CYS A 33 -4.85 -2.36 0.61
CA CYS A 33 -3.82 -1.37 0.71
C CYS A 33 -3.92 -0.70 2.06
N ASN A 34 -2.92 -0.85 2.86
CA ASN A 34 -2.94 -0.26 4.18
C ASN A 34 -1.82 0.72 4.30
N CYS A 35 -2.13 1.98 4.40
CA CYS A 35 -1.13 2.97 4.75
C CYS A 35 -1.29 3.16 6.22
N ARG A 36 -0.32 2.77 7.01
CA ARG A 36 -0.58 2.76 8.44
C ARG A 36 0.67 2.63 9.24
N ARG A 37 1.57 1.85 8.75
CA ARG A 37 2.84 1.66 9.38
C ARG A 37 3.60 2.97 9.24
N GLY A 1 -5.94 4.35 -8.40
CA GLY A 1 -6.57 3.87 -7.18
C GLY A 1 -5.78 2.75 -6.58
N ILE A 2 -5.86 2.60 -5.28
CA ILE A 2 -5.16 1.55 -4.58
C ILE A 2 -5.76 0.20 -4.89
N THR A 3 -4.94 -0.64 -5.40
CA THR A 3 -5.29 -1.97 -5.76
C THR A 3 -4.11 -2.85 -5.43
N CYS A 4 -4.35 -4.05 -5.00
CA CYS A 4 -3.26 -4.93 -4.69
C CYS A 4 -3.36 -6.17 -5.51
N ASP A 5 -2.43 -6.35 -6.38
CA ASP A 5 -2.32 -7.57 -7.13
C ASP A 5 -1.12 -8.30 -6.62
N LEU A 6 -0.18 -7.52 -6.15
CA LEU A 6 0.97 -7.99 -5.51
C LEU A 6 0.86 -7.59 -4.05
N ILE A 7 1.70 -8.12 -3.25
CA ILE A 7 1.74 -7.80 -1.84
C ILE A 7 3.14 -7.41 -1.48
N GLY A 8 3.31 -6.19 -1.01
CA GLY A 8 4.64 -5.68 -0.64
C GLY A 8 5.40 -5.17 -1.84
N ASN A 9 5.25 -5.87 -2.95
CA ASN A 9 5.87 -5.51 -4.22
C ASN A 9 4.92 -4.61 -4.96
N GLU A 10 3.82 -4.35 -4.31
CA GLU A 10 2.77 -3.55 -4.82
C GLU A 10 3.10 -2.09 -4.52
N ARG A 11 4.13 -1.61 -5.17
CA ARG A 11 4.65 -0.28 -4.94
C ARG A 11 3.64 0.77 -5.38
N LEU A 12 2.75 0.39 -6.28
CA LEU A 12 1.67 1.26 -6.75
C LEU A 12 0.70 1.58 -5.61
N CYS A 13 0.65 0.71 -4.62
CA CYS A 13 -0.15 0.95 -3.46
C CYS A 13 0.66 1.76 -2.44
N VAL A 14 1.89 1.34 -2.22
CA VAL A 14 2.80 1.96 -1.24
C VAL A 14 3.02 3.46 -1.54
N VAL A 15 3.05 3.80 -2.82
CA VAL A 15 3.27 5.18 -3.24
C VAL A 15 2.11 6.09 -2.80
N HIS A 16 0.94 5.52 -2.61
CA HIS A 16 -0.22 6.27 -2.13
C HIS A 16 0.00 6.66 -0.67
N CYS A 17 0.59 5.76 0.05
CA CYS A 17 0.94 5.97 1.42
C CYS A 17 2.03 7.03 1.51
N LEU A 18 2.97 6.96 0.57
CA LEU A 18 4.05 7.94 0.51
C LEU A 18 3.50 9.30 0.10
N ALA A 19 2.44 9.30 -0.70
CA ALA A 19 1.76 10.50 -1.12
C ALA A 19 1.08 11.18 0.05
N LYS A 20 0.37 10.41 0.86
CA LYS A 20 -0.30 10.95 2.05
C LYS A 20 0.71 11.44 3.08
N GLY A 21 1.79 10.71 3.23
CA GLY A 21 2.78 11.06 4.21
C GLY A 21 2.95 9.97 5.23
N PHE A 22 2.98 8.77 4.75
CA PHE A 22 3.18 7.61 5.57
C PHE A 22 4.56 7.09 5.40
N ARG A 23 4.98 6.29 6.33
CA ARG A 23 6.28 5.67 6.26
C ARG A 23 6.16 4.44 5.42
N GLY A 24 4.93 4.06 5.12
CA GLY A 24 4.74 2.97 4.27
C GLY A 24 3.36 2.41 4.33
N GLY A 25 3.10 1.61 3.35
CA GLY A 25 1.85 1.01 3.16
C GLY A 25 2.05 -0.34 2.62
N TRP A 26 1.13 -1.18 2.83
CA TRP A 26 1.24 -2.54 2.44
C TRP A 26 -0.12 -3.11 2.24
N CYS A 27 -0.19 -4.12 1.45
CA CYS A 27 -1.40 -4.81 1.24
C CYS A 27 -1.48 -5.91 2.26
N ASP A 28 -2.55 -5.96 2.99
CA ASP A 28 -2.70 -7.05 3.93
C ASP A 28 -3.27 -8.24 3.19
N SER A 29 -3.47 -9.34 3.87
CA SER A 29 -3.93 -10.59 3.26
C SER A 29 -5.34 -10.49 2.59
N ARG A 30 -6.08 -9.42 2.89
CA ARG A 30 -7.39 -9.20 2.28
C ARG A 30 -7.25 -8.35 1.02
N LYS A 31 -5.98 -8.06 0.63
CA LYS A 31 -5.64 -7.22 -0.54
C LYS A 31 -6.00 -5.77 -0.31
N VAL A 32 -6.18 -5.42 0.93
CA VAL A 32 -6.51 -4.07 1.31
C VAL A 32 -5.24 -3.26 1.49
N CYS A 33 -5.22 -2.09 0.90
CA CYS A 33 -4.12 -1.17 1.03
C CYS A 33 -4.18 -0.47 2.36
N ASN A 34 -3.20 -0.70 3.17
CA ASN A 34 -3.15 -0.04 4.45
C ASN A 34 -1.93 0.81 4.47
N CYS A 35 -2.10 2.04 4.80
CA CYS A 35 -0.97 2.93 4.99
C CYS A 35 -0.95 3.24 6.44
N ARG A 36 0.15 2.94 7.12
CA ARG A 36 0.16 3.02 8.57
C ARG A 36 1.51 2.60 9.12
N ARG A 37 2.20 1.75 8.41
CA ARG A 37 3.44 1.21 8.89
C ARG A 37 4.56 1.60 7.98
N GLY A 1 -4.70 4.43 -8.97
CA GLY A 1 -5.43 4.06 -7.76
C GLY A 1 -4.77 2.89 -7.10
N ILE A 2 -5.14 2.64 -5.84
CA ILE A 2 -4.59 1.54 -5.11
C ILE A 2 -5.02 0.22 -5.69
N THR A 3 -4.06 -0.54 -6.02
CA THR A 3 -4.24 -1.82 -6.60
C THR A 3 -3.51 -2.76 -5.71
N CYS A 4 -4.01 -3.95 -5.52
CA CYS A 4 -3.29 -4.90 -4.76
C CYS A 4 -3.16 -6.16 -5.52
N ASP A 5 -2.19 -6.18 -6.37
CA ASP A 5 -1.87 -7.34 -7.13
C ASP A 5 -0.81 -8.05 -6.36
N LEU A 6 -0.03 -7.27 -5.66
CA LEU A 6 0.95 -7.75 -4.79
C LEU A 6 0.56 -7.45 -3.36
N ILE A 7 0.95 -8.30 -2.51
CA ILE A 7 0.78 -8.19 -1.09
C ILE A 7 2.15 -7.80 -0.54
N GLY A 8 2.19 -6.74 0.24
CA GLY A 8 3.45 -6.27 0.81
C GLY A 8 4.31 -5.45 -0.18
N ASN A 9 4.47 -5.97 -1.38
CA ASN A 9 5.37 -5.42 -2.42
C ASN A 9 4.61 -4.52 -3.33
N GLU A 10 3.51 -4.09 -2.88
CA GLU A 10 2.64 -3.40 -3.69
C GLU A 10 2.91 -1.91 -3.65
N ARG A 11 3.87 -1.54 -4.44
CA ARG A 11 4.31 -0.15 -4.61
C ARG A 11 3.17 0.77 -5.05
N LEU A 12 2.19 0.22 -5.75
CA LEU A 12 1.00 0.98 -6.18
C LEU A 12 0.19 1.45 -4.98
N CYS A 13 0.32 0.71 -3.90
CA CYS A 13 -0.31 1.05 -2.65
C CYS A 13 0.61 1.98 -1.87
N VAL A 14 1.90 1.63 -1.85
CA VAL A 14 2.94 2.38 -1.14
C VAL A 14 2.92 3.87 -1.51
N VAL A 15 2.84 4.13 -2.81
CA VAL A 15 2.86 5.50 -3.32
C VAL A 15 1.63 6.32 -2.83
N HIS A 16 0.54 5.64 -2.55
CA HIS A 16 -0.67 6.28 -2.03
C HIS A 16 -0.42 6.68 -0.59
N CYS A 17 0.23 5.80 0.12
CA CYS A 17 0.60 6.01 1.49
C CYS A 17 1.64 7.12 1.58
N LEU A 18 2.53 7.19 0.61
CA LEU A 18 3.52 8.24 0.57
C LEU A 18 2.85 9.58 0.27
N ALA A 19 1.77 9.52 -0.52
CA ALA A 19 0.97 10.70 -0.82
C ALA A 19 0.24 11.19 0.42
N LYS A 20 -0.22 10.26 1.24
CA LYS A 20 -0.89 10.62 2.48
C LYS A 20 0.08 11.15 3.53
N GLY A 21 1.25 10.57 3.57
CA GLY A 21 2.24 10.99 4.55
C GLY A 21 2.59 9.85 5.46
N PHE A 22 2.94 8.75 4.86
CA PHE A 22 3.26 7.54 5.56
C PHE A 22 4.62 7.06 5.23
N ARG A 23 5.14 6.17 6.07
CA ARG A 23 6.42 5.53 5.82
C ARG A 23 6.29 4.70 4.58
N GLY A 24 5.09 4.23 4.35
CA GLY A 24 4.82 3.42 3.21
C GLY A 24 3.55 2.68 3.42
N GLY A 25 3.27 1.76 2.55
CA GLY A 25 2.05 1.05 2.63
C GLY A 25 2.20 -0.33 2.12
N TRP A 26 1.24 -1.13 2.39
CA TRP A 26 1.29 -2.49 1.99
C TRP A 26 -0.10 -3.02 1.85
N CYS A 27 -0.33 -3.72 0.79
CA CYS A 27 -1.55 -4.43 0.66
C CYS A 27 -1.41 -5.68 1.45
N ASP A 28 -2.32 -5.92 2.32
CA ASP A 28 -2.24 -7.09 3.17
C ASP A 28 -2.98 -8.26 2.53
N SER A 29 -3.14 -9.33 3.27
CA SER A 29 -3.79 -10.53 2.82
C SER A 29 -5.26 -10.29 2.43
N ARG A 30 -5.88 -9.26 3.00
CA ARG A 30 -7.26 -8.90 2.68
C ARG A 30 -7.35 -8.19 1.33
N LYS A 31 -6.17 -7.89 0.74
CA LYS A 31 -6.06 -7.13 -0.52
C LYS A 31 -6.45 -5.68 -0.31
N VAL A 32 -6.28 -5.24 0.91
CA VAL A 32 -6.56 -3.89 1.28
C VAL A 32 -5.24 -3.13 1.31
N CYS A 33 -5.24 -1.93 0.78
CA CYS A 33 -4.09 -1.07 0.83
C CYS A 33 -4.04 -0.45 2.23
N ASN A 34 -3.04 -0.78 2.98
CA ASN A 34 -2.90 -0.27 4.33
C ASN A 34 -1.69 0.62 4.38
N CYS A 35 -1.75 1.68 5.11
CA CYS A 35 -0.64 2.60 5.19
C CYS A 35 -0.06 2.66 6.59
N ARG A 36 1.27 2.41 6.69
CA ARG A 36 2.06 2.46 7.93
C ARG A 36 3.47 1.86 7.70
N ARG A 37 3.52 0.75 6.98
CA ARG A 37 4.79 0.04 6.77
C ARG A 37 5.41 0.43 5.45
N GLY A 1 -3.83 4.86 -8.32
CA GLY A 1 -4.78 4.41 -7.32
C GLY A 1 -4.32 3.11 -6.72
N ILE A 2 -4.85 2.75 -5.59
CA ILE A 2 -4.45 1.56 -4.90
C ILE A 2 -4.97 0.33 -5.61
N THR A 3 -4.11 -0.62 -5.74
CA THR A 3 -4.39 -1.86 -6.41
C THR A 3 -3.65 -2.92 -5.63
N CYS A 4 -4.00 -4.18 -5.80
CA CYS A 4 -3.26 -5.24 -5.17
C CYS A 4 -3.04 -6.39 -6.10
N ASP A 5 -1.92 -6.41 -6.75
CA ASP A 5 -1.53 -7.57 -7.51
C ASP A 5 -0.50 -8.28 -6.67
N LEU A 6 0.28 -7.46 -5.98
CA LEU A 6 1.25 -7.91 -5.06
C LEU A 6 0.76 -7.63 -3.66
N ILE A 7 1.10 -8.48 -2.79
CA ILE A 7 0.84 -8.32 -1.40
C ILE A 7 2.12 -7.77 -0.77
N GLY A 8 2.03 -6.70 -0.05
CA GLY A 8 3.19 -6.10 0.60
C GLY A 8 4.12 -5.30 -0.33
N ASN A 9 4.38 -5.83 -1.51
CA ASN A 9 5.35 -5.25 -2.48
C ASN A 9 4.62 -4.42 -3.49
N GLU A 10 3.42 -4.13 -3.17
CA GLU A 10 2.55 -3.47 -4.03
C GLU A 10 2.75 -1.97 -3.95
N ARG A 11 3.69 -1.55 -4.73
CA ARG A 11 4.05 -0.15 -4.91
C ARG A 11 2.83 0.75 -5.22
N LEU A 12 1.81 0.20 -5.91
CA LEU A 12 0.59 0.99 -6.22
C LEU A 12 -0.14 1.38 -4.95
N CYS A 13 0.06 0.62 -3.93
CA CYS A 13 -0.49 0.89 -2.63
C CYS A 13 0.47 1.82 -1.88
N VAL A 14 1.76 1.44 -1.87
CA VAL A 14 2.81 2.16 -1.15
C VAL A 14 2.82 3.65 -1.52
N VAL A 15 2.76 3.94 -2.82
CA VAL A 15 2.82 5.31 -3.32
C VAL A 15 1.66 6.16 -2.79
N HIS A 16 0.52 5.53 -2.51
CA HIS A 16 -0.64 6.24 -1.99
C HIS A 16 -0.36 6.68 -0.57
N CYS A 17 0.22 5.80 0.18
CA CYS A 17 0.53 6.09 1.54
C CYS A 17 1.67 7.09 1.63
N LEU A 18 2.62 7.00 0.71
CA LEU A 18 3.72 7.96 0.66
C LEU A 18 3.20 9.35 0.29
N ALA A 19 2.15 9.39 -0.53
CA ALA A 19 1.54 10.63 -0.94
C ALA A 19 0.74 11.24 0.21
N LYS A 20 0.16 10.38 1.02
CA LYS A 20 -0.58 10.85 2.19
C LYS A 20 0.36 11.26 3.31
N GLY A 21 1.55 10.72 3.31
CA GLY A 21 2.54 11.12 4.30
C GLY A 21 2.86 10.02 5.27
N PHE A 22 2.66 8.80 4.84
CA PHE A 22 2.98 7.64 5.64
C PHE A 22 4.33 7.10 5.27
N ARG A 23 4.92 6.31 6.18
CA ARG A 23 6.17 5.59 5.95
C ARG A 23 6.05 4.71 4.73
N GLY A 24 4.85 4.29 4.49
CA GLY A 24 4.57 3.50 3.36
C GLY A 24 3.29 2.79 3.54
N GLY A 25 2.96 1.98 2.61
CA GLY A 25 1.74 1.27 2.64
C GLY A 25 1.93 -0.07 2.11
N TRP A 26 1.12 -0.97 2.51
CA TRP A 26 1.23 -2.31 2.11
C TRP A 26 -0.14 -2.88 1.93
N CYS A 27 -0.32 -3.59 0.88
CA CYS A 27 -1.54 -4.29 0.70
C CYS A 27 -1.39 -5.57 1.44
N ASP A 28 -2.27 -5.85 2.35
CA ASP A 28 -2.14 -7.04 3.17
C ASP A 28 -2.85 -8.22 2.51
N SER A 29 -2.88 -9.35 3.20
CA SER A 29 -3.48 -10.57 2.72
C SER A 29 -4.99 -10.40 2.38
N ARG A 30 -5.65 -9.43 3.01
CA ARG A 30 -7.07 -9.13 2.77
C ARG A 30 -7.24 -8.31 1.51
N LYS A 31 -6.11 -7.94 0.90
CA LYS A 31 -6.06 -7.16 -0.34
C LYS A 31 -6.57 -5.75 -0.10
N VAL A 32 -6.27 -5.26 1.07
CA VAL A 32 -6.58 -3.92 1.44
C VAL A 32 -5.28 -3.13 1.49
N CYS A 33 -5.29 -1.93 0.96
CA CYS A 33 -4.14 -1.07 1.02
C CYS A 33 -4.11 -0.44 2.40
N ASN A 34 -3.13 -0.78 3.20
CA ASN A 34 -3.03 -0.25 4.53
C ASN A 34 -1.85 0.67 4.58
N CYS A 35 -1.93 1.74 5.32
CA CYS A 35 -0.82 2.66 5.42
C CYS A 35 -0.25 2.69 6.83
N ARG A 36 1.09 2.46 6.94
CA ARG A 36 1.84 2.51 8.20
C ARG A 36 3.26 1.94 7.99
N ARG A 37 3.36 0.93 7.17
CA ARG A 37 4.63 0.25 6.93
C ARG A 37 5.14 0.61 5.58
N GLY A 1 -6.03 3.67 -8.79
CA GLY A 1 -6.01 3.98 -7.36
C GLY A 1 -5.23 2.91 -6.63
N ILE A 2 -5.63 2.57 -5.45
CA ILE A 2 -4.97 1.56 -4.70
C ILE A 2 -5.58 0.21 -5.02
N THR A 3 -4.78 -0.64 -5.56
CA THR A 3 -5.16 -1.95 -5.98
C THR A 3 -4.06 -2.89 -5.55
N CYS A 4 -4.36 -4.13 -5.30
CA CYS A 4 -3.36 -5.05 -4.85
C CYS A 4 -3.21 -6.23 -5.77
N ASP A 5 -2.17 -6.23 -6.54
CA ASP A 5 -1.85 -7.35 -7.38
C ASP A 5 -0.82 -8.17 -6.67
N LEU A 6 0.05 -7.49 -5.94
CA LEU A 6 1.01 -8.13 -5.11
C LEU A 6 0.80 -7.70 -3.68
N ILE A 7 1.26 -8.49 -2.79
CA ILE A 7 1.19 -8.23 -1.40
C ILE A 7 2.49 -7.59 -0.96
N GLY A 8 2.37 -6.46 -0.34
CA GLY A 8 3.51 -5.71 0.19
C GLY A 8 4.37 -5.02 -0.87
N ASN A 9 4.62 -5.70 -1.98
CA ASN A 9 5.52 -5.23 -3.05
C ASN A 9 4.75 -4.43 -4.05
N GLU A 10 3.55 -4.16 -3.69
CA GLU A 10 2.65 -3.45 -4.49
C GLU A 10 2.92 -1.95 -4.33
N ARG A 11 3.94 -1.54 -5.00
CA ARG A 11 4.48 -0.17 -4.98
C ARG A 11 3.44 0.87 -5.37
N LEU A 12 2.54 0.52 -6.27
CA LEU A 12 1.47 1.42 -6.70
C LEU A 12 0.48 1.66 -5.56
N CYS A 13 0.49 0.78 -4.60
CA CYS A 13 -0.30 0.97 -3.42
C CYS A 13 0.50 1.81 -2.41
N VAL A 14 1.76 1.40 -2.21
CA VAL A 14 2.68 2.05 -1.26
C VAL A 14 2.85 3.55 -1.56
N VAL A 15 2.88 3.90 -2.84
CA VAL A 15 3.07 5.28 -3.27
C VAL A 15 1.93 6.20 -2.77
N HIS A 16 0.76 5.61 -2.53
CA HIS A 16 -0.39 6.36 -2.02
C HIS A 16 -0.09 6.81 -0.61
N CYS A 17 0.47 5.90 0.14
CA CYS A 17 0.82 6.12 1.51
C CYS A 17 1.98 7.12 1.58
N LEU A 18 2.91 6.99 0.66
CA LEU A 18 4.06 7.89 0.62
C LEU A 18 3.63 9.30 0.23
N ALA A 19 2.59 9.39 -0.59
CA ALA A 19 2.04 10.67 -1.04
C ALA A 19 1.30 11.36 0.10
N LYS A 20 0.49 10.62 0.85
CA LYS A 20 -0.23 11.18 1.98
C LYS A 20 0.72 11.60 3.10
N GLY A 21 1.74 10.82 3.31
CA GLY A 21 2.70 11.14 4.32
C GLY A 21 2.80 10.06 5.35
N PHE A 22 2.95 8.87 4.89
CA PHE A 22 3.08 7.71 5.73
C PHE A 22 4.47 7.20 5.70
N ARG A 23 4.76 6.34 6.67
CA ARG A 23 6.00 5.61 6.72
C ARG A 23 6.03 4.67 5.54
N GLY A 24 4.85 4.26 5.10
CA GLY A 24 4.73 3.41 3.98
C GLY A 24 3.40 2.74 3.96
N GLY A 25 3.25 1.79 3.11
CA GLY A 25 2.01 1.13 2.95
C GLY A 25 2.21 -0.27 2.47
N TRP A 26 1.18 -1.07 2.57
CA TRP A 26 1.28 -2.44 2.17
C TRP A 26 -0.10 -2.99 1.92
N CYS A 27 -0.17 -3.93 1.05
CA CYS A 27 -1.36 -4.68 0.86
C CYS A 27 -1.31 -5.84 1.82
N ASP A 28 -2.33 -6.01 2.60
CA ASP A 28 -2.35 -7.12 3.53
C ASP A 28 -3.01 -8.32 2.87
N SER A 29 -3.14 -9.41 3.59
CA SER A 29 -3.66 -10.66 3.05
C SER A 29 -5.11 -10.51 2.52
N ARG A 30 -5.85 -9.52 3.02
CA ARG A 30 -7.24 -9.29 2.58
C ARG A 30 -7.29 -8.55 1.24
N LYS A 31 -6.10 -8.20 0.70
CA LYS A 31 -5.93 -7.45 -0.57
C LYS A 31 -6.28 -5.97 -0.36
N VAL A 32 -6.23 -5.54 0.88
CA VAL A 32 -6.53 -4.18 1.24
C VAL A 32 -5.25 -3.37 1.34
N CYS A 33 -5.30 -2.18 0.83
CA CYS A 33 -4.22 -1.24 0.91
C CYS A 33 -4.25 -0.54 2.24
N ASN A 34 -3.22 -0.74 3.01
CA ASN A 34 -3.14 -0.15 4.32
C ASN A 34 -1.94 0.74 4.34
N CYS A 35 -2.06 1.87 4.95
CA CYS A 35 -0.93 2.75 5.09
C CYS A 35 -0.59 2.91 6.55
N ARG A 36 0.69 2.72 6.89
CA ARG A 36 1.19 2.84 8.26
C ARG A 36 2.65 2.38 8.33
N ARG A 37 2.90 1.24 7.75
CA ARG A 37 4.18 0.58 7.86
C ARG A 37 4.97 0.79 6.61
N GLY A 1 -6.82 4.62 -7.35
CA GLY A 1 -5.50 4.70 -6.73
C GLY A 1 -4.97 3.35 -6.31
N ILE A 2 -5.26 2.96 -5.08
CA ILE A 2 -4.78 1.72 -4.52
C ILE A 2 -5.39 0.48 -5.19
N THR A 3 -4.52 -0.38 -5.64
CA THR A 3 -4.89 -1.61 -6.29
C THR A 3 -3.89 -2.66 -5.86
N CYS A 4 -4.36 -3.82 -5.51
CA CYS A 4 -3.47 -4.88 -5.08
C CYS A 4 -3.37 -5.97 -6.09
N ASP A 5 -2.27 -5.97 -6.80
CA ASP A 5 -1.96 -7.04 -7.71
C ASP A 5 -0.98 -7.94 -7.00
N LEU A 6 -0.15 -7.30 -6.19
CA LEU A 6 0.82 -7.95 -5.39
C LEU A 6 0.47 -7.68 -3.92
N ILE A 7 0.94 -8.51 -3.08
CA ILE A 7 0.79 -8.38 -1.65
C ILE A 7 2.14 -8.01 -1.07
N GLY A 8 2.20 -6.92 -0.34
CA GLY A 8 3.45 -6.46 0.24
C GLY A 8 4.37 -5.73 -0.76
N ASN A 9 4.49 -6.27 -1.96
CA ASN A 9 5.40 -5.72 -3.00
C ASN A 9 4.65 -4.77 -3.87
N GLU A 10 3.54 -4.36 -3.38
CA GLU A 10 2.66 -3.60 -4.14
C GLU A 10 2.96 -2.10 -4.03
N ARG A 11 4.00 -1.72 -4.73
CA ARG A 11 4.48 -0.34 -4.78
C ARG A 11 3.42 0.64 -5.27
N LEU A 12 2.54 0.17 -6.14
CA LEU A 12 1.45 1.00 -6.65
C LEU A 12 0.49 1.36 -5.52
N CYS A 13 0.50 0.57 -4.48
CA CYS A 13 -0.25 0.84 -3.30
C CYS A 13 0.58 1.73 -2.37
N VAL A 14 1.84 1.33 -2.17
CA VAL A 14 2.79 2.02 -1.28
C VAL A 14 2.89 3.52 -1.64
N VAL A 15 2.94 3.81 -2.94
CA VAL A 15 3.08 5.18 -3.43
C VAL A 15 1.92 6.08 -2.96
N HIS A 16 0.75 5.49 -2.74
CA HIS A 16 -0.41 6.24 -2.27
C HIS A 16 -0.14 6.74 -0.86
N CYS A 17 0.43 5.87 -0.09
CA CYS A 17 0.78 6.14 1.28
C CYS A 17 1.95 7.12 1.32
N LEU A 18 2.85 7.02 0.36
CA LEU A 18 3.99 7.91 0.28
C LEU A 18 3.55 9.32 -0.13
N ALA A 19 2.50 9.39 -0.93
CA ALA A 19 1.93 10.65 -1.37
C ALA A 19 1.15 11.31 -0.24
N LYS A 20 0.50 10.49 0.57
CA LYS A 20 -0.20 11.01 1.76
C LYS A 20 0.77 11.46 2.83
N GLY A 21 1.86 10.75 2.93
CA GLY A 21 2.82 11.06 3.94
C GLY A 21 2.78 10.05 5.03
N PHE A 22 2.87 8.81 4.65
CA PHE A 22 2.88 7.73 5.58
C PHE A 22 4.21 7.09 5.65
N ARG A 23 4.41 6.41 6.77
CA ARG A 23 5.61 5.66 7.05
C ARG A 23 5.75 4.53 6.03
N GLY A 24 4.63 4.15 5.47
CA GLY A 24 4.62 3.16 4.45
C GLY A 24 3.26 2.59 4.29
N GLY A 25 3.08 1.89 3.22
CA GLY A 25 1.82 1.31 2.90
C GLY A 25 2.05 0.01 2.25
N TRP A 26 1.06 -0.84 2.28
CA TRP A 26 1.19 -2.16 1.74
C TRP A 26 -0.17 -2.77 1.54
N CYS A 27 -0.25 -3.66 0.60
CA CYS A 27 -1.40 -4.50 0.47
C CYS A 27 -1.18 -5.67 1.36
N ASP A 28 -2.04 -5.81 2.33
CA ASP A 28 -1.89 -6.89 3.28
C ASP A 28 -2.50 -8.16 2.67
N SER A 29 -2.53 -9.24 3.42
CA SER A 29 -2.95 -10.54 2.94
C SER A 29 -4.43 -10.54 2.55
N ARG A 30 -5.19 -9.57 3.03
CA ARG A 30 -6.62 -9.48 2.70
C ARG A 30 -6.84 -8.64 1.45
N LYS A 31 -5.75 -8.32 0.72
CA LYS A 31 -5.78 -7.53 -0.53
C LYS A 31 -6.26 -6.11 -0.25
N VAL A 32 -5.99 -5.65 0.95
CA VAL A 32 -6.38 -4.33 1.39
C VAL A 32 -5.14 -3.48 1.58
N CYS A 33 -5.20 -2.29 1.06
CA CYS A 33 -4.16 -1.32 1.22
C CYS A 33 -4.25 -0.63 2.55
N ASN A 34 -3.18 -0.69 3.28
CA ASN A 34 -3.10 -0.05 4.57
C ASN A 34 -1.91 0.87 4.53
N CYS A 35 -2.05 2.04 5.04
CA CYS A 35 -0.93 2.96 5.16
C CYS A 35 -0.70 3.18 6.62
N ARG A 36 0.41 2.65 7.17
CA ARG A 36 0.70 2.74 8.61
C ARG A 36 2.17 2.43 8.86
N ARG A 37 2.62 1.32 8.30
CA ARG A 37 3.90 0.73 8.58
C ARG A 37 4.94 1.18 7.60
N GLY A 1 -7.57 3.80 -8.40
CA GLY A 1 -6.99 4.11 -7.11
C GLY A 1 -6.12 3.00 -6.63
N ILE A 2 -6.00 2.83 -5.33
CA ILE A 2 -5.22 1.77 -4.77
C ILE A 2 -5.87 0.41 -5.01
N THR A 3 -5.09 -0.46 -5.58
CA THR A 3 -5.51 -1.81 -5.91
C THR A 3 -4.33 -2.70 -5.58
N CYS A 4 -4.59 -3.89 -5.15
CA CYS A 4 -3.54 -4.77 -4.78
C CYS A 4 -3.54 -6.01 -5.60
N ASP A 5 -2.60 -6.10 -6.50
CA ASP A 5 -2.41 -7.30 -7.27
C ASP A 5 -1.35 -8.11 -6.58
N LEU A 6 -0.43 -7.40 -5.98
CA LEU A 6 0.61 -7.96 -5.20
C LEU A 6 0.37 -7.66 -3.74
N ILE A 7 0.92 -8.46 -2.91
CA ILE A 7 0.84 -8.32 -1.48
C ILE A 7 2.18 -7.84 -0.96
N GLY A 8 2.18 -6.68 -0.34
CA GLY A 8 3.41 -6.06 0.17
C GLY A 8 4.26 -5.41 -0.90
N ASN A 9 4.33 -6.06 -2.05
CA ASN A 9 5.21 -5.66 -3.17
C ASN A 9 4.47 -4.78 -4.11
N GLU A 10 3.34 -4.37 -3.69
CA GLU A 10 2.47 -3.59 -4.47
C GLU A 10 2.86 -2.11 -4.34
N ARG A 11 3.95 -1.80 -5.01
CA ARG A 11 4.57 -0.47 -5.01
C ARG A 11 3.60 0.61 -5.46
N LEU A 12 2.70 0.26 -6.38
CA LEU A 12 1.70 1.21 -6.89
C LEU A 12 0.77 1.64 -5.76
N CYS A 13 0.66 0.82 -4.76
CA CYS A 13 -0.11 1.14 -3.61
C CYS A 13 0.75 1.90 -2.59
N VAL A 14 1.97 1.42 -2.38
CA VAL A 14 2.93 2.01 -1.42
C VAL A 14 3.16 3.50 -1.69
N VAL A 15 3.28 3.85 -2.98
CA VAL A 15 3.50 5.23 -3.40
C VAL A 15 2.37 6.16 -2.94
N HIS A 16 1.16 5.62 -2.81
CA HIS A 16 0.01 6.38 -2.36
C HIS A 16 0.19 6.75 -0.89
N CYS A 17 0.66 5.80 -0.13
CA CYS A 17 0.91 6.00 1.29
C CYS A 17 2.00 7.05 1.45
N LEU A 18 3.02 6.96 0.62
CA LEU A 18 4.14 7.88 0.65
C LEU A 18 3.70 9.29 0.21
N ALA A 19 2.74 9.33 -0.69
CA ALA A 19 2.17 10.59 -1.17
C ALA A 19 1.36 11.26 -0.06
N LYS A 20 0.61 10.45 0.68
CA LYS A 20 -0.19 10.97 1.80
C LYS A 20 0.72 11.40 2.94
N GLY A 21 1.88 10.77 3.02
CA GLY A 21 2.86 11.14 4.02
C GLY A 21 2.99 10.10 5.09
N PHE A 22 2.76 8.87 4.72
CA PHE A 22 2.85 7.76 5.63
C PHE A 22 4.24 7.24 5.77
N ARG A 23 4.44 6.48 6.83
CA ARG A 23 5.73 5.85 7.11
C ARG A 23 5.92 4.69 6.15
N GLY A 24 4.80 4.25 5.57
CA GLY A 24 4.85 3.18 4.64
C GLY A 24 3.50 2.57 4.43
N GLY A 25 3.40 1.80 3.38
CA GLY A 25 2.18 1.20 3.00
C GLY A 25 2.40 -0.15 2.41
N TRP A 26 1.40 -0.99 2.50
CA TRP A 26 1.49 -2.33 2.04
C TRP A 26 0.12 -2.92 1.87
N CYS A 27 -0.03 -3.71 0.86
CA CYS A 27 -1.22 -4.47 0.70
C CYS A 27 -1.03 -5.71 1.49
N ASP A 28 -1.92 -5.97 2.40
CA ASP A 28 -1.73 -7.15 3.24
C ASP A 28 -2.43 -8.35 2.59
N SER A 29 -2.50 -9.47 3.31
CA SER A 29 -3.11 -10.72 2.83
C SER A 29 -4.58 -10.52 2.40
N ARG A 30 -5.20 -9.46 2.90
CA ARG A 30 -6.58 -9.10 2.57
C ARG A 30 -6.70 -8.48 1.19
N LYS A 31 -5.54 -8.21 0.53
CA LYS A 31 -5.50 -7.53 -0.79
C LYS A 31 -5.97 -6.09 -0.64
N VAL A 32 -5.85 -5.59 0.56
CA VAL A 32 -6.25 -4.24 0.88
C VAL A 32 -5.01 -3.42 1.16
N CYS A 33 -5.04 -2.20 0.68
CA CYS A 33 -4.01 -1.24 0.88
C CYS A 33 -4.08 -0.68 2.28
N ASN A 34 -3.01 -0.85 3.00
CA ASN A 34 -2.92 -0.31 4.33
C ASN A 34 -1.76 0.63 4.36
N CYS A 35 -1.98 1.81 4.80
CA CYS A 35 -0.90 2.75 5.01
C CYS A 35 -0.86 3.04 6.49
N ARG A 36 0.29 2.81 7.15
CA ARG A 36 0.38 3.01 8.61
C ARG A 36 1.75 2.66 9.15
N ARG A 37 2.23 1.51 8.75
CA ARG A 37 3.43 0.93 9.29
C ARG A 37 4.68 1.77 9.03
N GLY A 1 -6.46 3.60 -8.75
CA GLY A 1 -6.72 3.48 -7.31
C GLY A 1 -5.81 2.46 -6.70
N ILE A 2 -5.73 2.43 -5.38
CA ILE A 2 -4.90 1.47 -4.69
C ILE A 2 -5.52 0.08 -4.76
N THR A 3 -4.82 -0.79 -5.37
CA THR A 3 -5.25 -2.13 -5.63
C THR A 3 -4.10 -3.05 -5.30
N CYS A 4 -4.36 -4.28 -4.99
CA CYS A 4 -3.32 -5.16 -4.67
C CYS A 4 -3.18 -6.26 -5.69
N ASP A 5 -2.33 -6.01 -6.65
CA ASP A 5 -2.04 -7.00 -7.66
C ASP A 5 -0.90 -7.80 -7.13
N LEU A 6 -0.05 -7.12 -6.43
CA LEU A 6 1.07 -7.70 -5.78
C LEU A 6 0.89 -7.52 -4.29
N ILE A 7 1.61 -8.28 -3.54
CA ILE A 7 1.62 -8.15 -2.10
C ILE A 7 3.01 -7.69 -1.70
N GLY A 8 3.09 -6.54 -1.06
CA GLY A 8 4.38 -5.98 -0.62
C GLY A 8 5.16 -5.31 -1.74
N ASN A 9 5.10 -5.92 -2.91
CA ASN A 9 5.82 -5.45 -4.09
C ASN A 9 4.95 -4.45 -4.81
N GLU A 10 3.81 -4.21 -4.23
CA GLU A 10 2.79 -3.37 -4.74
C GLU A 10 3.15 -1.90 -4.48
N ARG A 11 4.19 -1.47 -5.16
CA ARG A 11 4.76 -0.16 -4.99
C ARG A 11 3.80 0.93 -5.43
N LEU A 12 2.88 0.58 -6.32
CA LEU A 12 1.86 1.50 -6.78
C LEU A 12 0.90 1.84 -5.64
N CYS A 13 0.84 0.97 -4.66
CA CYS A 13 0.03 1.21 -3.50
C CYS A 13 0.87 1.98 -2.48
N VAL A 14 2.10 1.51 -2.26
CA VAL A 14 3.04 2.11 -1.28
C VAL A 14 3.20 3.61 -1.51
N VAL A 15 3.35 4.00 -2.77
CA VAL A 15 3.55 5.40 -3.14
C VAL A 15 2.39 6.29 -2.68
N HIS A 16 1.19 5.72 -2.64
CA HIS A 16 0.02 6.47 -2.21
C HIS A 16 0.17 6.88 -0.76
N CYS A 17 0.64 5.96 0.03
CA CYS A 17 0.84 6.20 1.43
C CYS A 17 2.01 7.15 1.63
N LEU A 18 3.04 6.99 0.81
CA LEU A 18 4.22 7.85 0.90
C LEU A 18 3.86 9.29 0.51
N ALA A 19 2.90 9.42 -0.40
CA ALA A 19 2.43 10.71 -0.85
C ALA A 19 1.51 11.34 0.17
N LYS A 20 0.73 10.53 0.87
CA LYS A 20 -0.17 11.02 1.90
C LYS A 20 0.59 11.44 3.15
N GLY A 21 1.72 10.81 3.38
CA GLY A 21 2.52 11.16 4.52
C GLY A 21 2.70 10.01 5.46
N PHE A 22 2.87 8.85 4.89
CA PHE A 22 3.06 7.64 5.62
C PHE A 22 4.39 7.06 5.32
N ARG A 23 4.88 6.25 6.22
CA ARG A 23 6.13 5.57 6.06
C ARG A 23 5.93 4.39 5.13
N GLY A 24 4.68 4.04 4.88
CA GLY A 24 4.44 3.03 3.94
C GLY A 24 3.07 2.42 4.02
N GLY A 25 2.72 1.84 2.91
CA GLY A 25 1.47 1.21 2.75
C GLY A 25 1.67 -0.13 2.20
N TRP A 26 0.82 -1.01 2.54
CA TRP A 26 0.98 -2.38 2.18
C TRP A 26 -0.39 -3.00 2.01
N CYS A 27 -0.42 -4.12 1.40
CA CYS A 27 -1.60 -4.88 1.26
C CYS A 27 -1.64 -5.95 2.33
N ASP A 28 -2.66 -5.92 3.16
CA ASP A 28 -2.82 -6.95 4.18
C ASP A 28 -3.26 -8.26 3.56
N SER A 29 -3.44 -9.27 4.38
CA SER A 29 -3.90 -10.58 3.93
C SER A 29 -5.37 -10.50 3.46
N ARG A 30 -5.99 -9.37 3.73
CA ARG A 30 -7.33 -9.05 3.27
C ARG A 30 -7.28 -8.50 1.84
N LYS A 31 -6.05 -8.32 1.31
CA LYS A 31 -5.79 -7.77 -0.04
C LYS A 31 -6.22 -6.33 -0.15
N VAL A 32 -6.22 -5.65 0.96
CA VAL A 32 -6.58 -4.25 1.01
C VAL A 32 -5.35 -3.44 1.32
N CYS A 33 -5.22 -2.35 0.64
CA CYS A 33 -4.19 -1.39 0.90
C CYS A 33 -4.47 -0.63 2.18
N ASN A 34 -3.46 -0.51 2.99
CA ASN A 34 -3.55 0.26 4.22
C ASN A 34 -2.29 1.06 4.32
N CYS A 35 -2.36 2.21 4.93
CA CYS A 35 -1.19 3.03 5.16
C CYS A 35 -0.97 3.12 6.66
N ARG A 36 0.22 2.70 7.14
CA ARG A 36 0.49 2.67 8.60
C ARG A 36 1.85 1.99 8.92
N ARG A 37 2.40 1.26 7.98
CA ARG A 37 3.64 0.57 8.23
C ARG A 37 4.77 1.22 7.47
N GLY A 1 -5.90 4.99 -8.66
CA GLY A 1 -6.31 4.53 -7.34
C GLY A 1 -5.42 3.41 -6.88
N ILE A 2 -5.65 2.92 -5.68
CA ILE A 2 -4.88 1.86 -5.12
C ILE A 2 -5.22 0.54 -5.76
N THR A 3 -4.24 -0.25 -5.96
CA THR A 3 -4.36 -1.54 -6.55
C THR A 3 -3.57 -2.49 -5.70
N CYS A 4 -4.03 -3.70 -5.57
CA CYS A 4 -3.30 -4.69 -4.83
C CYS A 4 -3.25 -5.98 -5.56
N ASP A 5 -2.24 -6.12 -6.37
CA ASP A 5 -2.01 -7.37 -7.04
C ASP A 5 -1.12 -8.17 -6.16
N LEU A 6 -0.23 -7.46 -5.51
CA LEU A 6 0.72 -8.04 -4.63
C LEU A 6 0.48 -7.63 -3.20
N ILE A 7 0.75 -8.53 -2.35
CA ILE A 7 0.77 -8.31 -0.93
C ILE A 7 2.15 -7.76 -0.56
N GLY A 8 2.17 -6.62 0.10
CA GLY A 8 3.42 -6.00 0.56
C GLY A 8 4.29 -5.36 -0.52
N ASN A 9 4.46 -6.06 -1.62
CA ASN A 9 5.39 -5.68 -2.69
C ASN A 9 4.75 -4.70 -3.61
N GLU A 10 3.51 -4.47 -3.35
CA GLU A 10 2.67 -3.65 -4.13
C GLU A 10 3.01 -2.17 -3.96
N ARG A 11 3.97 -1.80 -4.75
CA ARG A 11 4.50 -0.45 -4.85
C ARG A 11 3.39 0.58 -5.07
N LEU A 12 2.34 0.18 -5.79
CA LEU A 12 1.23 1.07 -6.13
C LEU A 12 0.39 1.42 -4.91
N CYS A 13 0.50 0.64 -3.89
CA CYS A 13 -0.17 0.95 -2.65
C CYS A 13 0.73 1.86 -1.84
N VAL A 14 2.02 1.50 -1.81
CA VAL A 14 3.04 2.23 -1.06
C VAL A 14 3.04 3.70 -1.44
N VAL A 15 3.03 3.96 -2.74
CA VAL A 15 3.06 5.33 -3.28
C VAL A 15 1.84 6.16 -2.82
N HIS A 16 0.73 5.49 -2.53
CA HIS A 16 -0.47 6.17 -2.06
C HIS A 16 -0.24 6.66 -0.64
N CYS A 17 0.33 5.80 0.13
CA CYS A 17 0.62 6.08 1.51
C CYS A 17 1.72 7.13 1.59
N LEU A 18 2.65 7.09 0.66
CA LEU A 18 3.71 8.06 0.59
C LEU A 18 3.17 9.43 0.17
N ALA A 19 2.12 9.42 -0.65
CA ALA A 19 1.45 10.65 -1.03
C ALA A 19 0.71 11.26 0.15
N LYS A 20 0.08 10.41 0.94
CA LYS A 20 -0.63 10.87 2.13
C LYS A 20 0.32 11.36 3.22
N GLY A 21 1.47 10.73 3.31
CA GLY A 21 2.43 11.14 4.31
C GLY A 21 2.65 10.05 5.33
N PHE A 22 2.75 8.87 4.84
CA PHE A 22 2.99 7.71 5.65
C PHE A 22 4.39 7.21 5.45
N ARG A 23 4.80 6.31 6.32
CA ARG A 23 6.06 5.60 6.16
C ARG A 23 5.99 4.76 4.92
N GLY A 24 4.80 4.29 4.63
CA GLY A 24 4.60 3.49 3.48
C GLY A 24 3.32 2.75 3.60
N GLY A 25 3.11 1.84 2.70
CA GLY A 25 1.89 1.13 2.67
C GLY A 25 2.07 -0.23 2.13
N TRP A 26 1.15 -1.08 2.41
CA TRP A 26 1.24 -2.42 1.99
C TRP A 26 -0.15 -3.01 1.87
N CYS A 27 -0.37 -3.69 0.81
CA CYS A 27 -1.57 -4.45 0.68
C CYS A 27 -1.37 -5.71 1.45
N ASP A 28 -2.26 -5.98 2.37
CA ASP A 28 -2.10 -7.18 3.21
C ASP A 28 -2.76 -8.38 2.54
N SER A 29 -2.87 -9.49 3.26
CA SER A 29 -3.43 -10.73 2.72
C SER A 29 -4.90 -10.59 2.28
N ARG A 30 -5.59 -9.56 2.80
CA ARG A 30 -6.97 -9.27 2.40
C ARG A 30 -6.99 -8.47 1.10
N LYS A 31 -5.78 -8.11 0.61
CA LYS A 31 -5.58 -7.30 -0.60
C LYS A 31 -6.10 -5.87 -0.39
N VAL A 32 -6.01 -5.43 0.84
CA VAL A 32 -6.40 -4.09 1.23
C VAL A 32 -5.14 -3.25 1.32
N CYS A 33 -5.16 -2.05 0.75
CA CYS A 33 -4.04 -1.14 0.82
C CYS A 33 -4.02 -0.51 2.22
N ASN A 34 -3.04 -0.85 3.02
CA ASN A 34 -2.94 -0.31 4.38
C ASN A 34 -1.79 0.62 4.41
N CYS A 35 -1.90 1.69 5.13
CA CYS A 35 -0.81 2.63 5.25
C CYS A 35 -0.32 2.68 6.69
N ARG A 36 1.00 2.55 6.87
CA ARG A 36 1.67 2.61 8.17
C ARG A 36 3.12 2.19 8.02
N ARG A 37 3.32 1.13 7.29
CA ARG A 37 4.60 0.46 7.21
C ARG A 37 5.14 0.58 5.81
N GLY A 1 -6.80 4.12 -8.16
CA GLY A 1 -5.68 4.44 -7.28
C GLY A 1 -5.00 3.20 -6.77
N ILE A 2 -5.31 2.80 -5.54
CA ILE A 2 -4.68 1.67 -4.92
C ILE A 2 -5.00 0.37 -5.66
N THR A 3 -4.04 -0.48 -5.73
CA THR A 3 -4.15 -1.71 -6.45
C THR A 3 -3.40 -2.77 -5.67
N CYS A 4 -3.77 -4.01 -5.83
CA CYS A 4 -3.04 -5.10 -5.25
C CYS A 4 -2.74 -6.13 -6.30
N ASP A 5 -1.59 -6.01 -6.88
CA ASP A 5 -1.08 -6.99 -7.79
C ASP A 5 -0.09 -7.80 -7.00
N LEU A 6 0.51 -7.12 -6.05
CA LEU A 6 1.40 -7.66 -5.11
C LEU A 6 0.79 -7.49 -3.74
N ILE A 7 1.18 -8.33 -2.86
CA ILE A 7 0.79 -8.27 -1.50
C ILE A 7 2.02 -7.94 -0.70
N GLY A 8 1.94 -6.96 0.15
CA GLY A 8 3.09 -6.52 0.90
C GLY A 8 4.01 -5.60 0.09
N ASN A 9 4.43 -6.07 -1.06
CA ASN A 9 5.42 -5.45 -1.92
C ASN A 9 4.72 -4.51 -2.90
N GLU A 10 3.56 -4.14 -2.52
CA GLU A 10 2.70 -3.48 -3.38
C GLU A 10 2.93 -1.98 -3.43
N ARG A 11 3.84 -1.64 -4.29
CA ARG A 11 4.21 -0.28 -4.60
C ARG A 11 3.01 0.60 -5.03
N LEU A 12 1.99 -0.02 -5.63
CA LEU A 12 0.81 0.73 -6.07
C LEU A 12 -0.03 1.15 -4.87
N CYS A 13 0.19 0.46 -3.78
CA CYS A 13 -0.42 0.80 -2.52
C CYS A 13 0.48 1.82 -1.82
N VAL A 14 1.80 1.53 -1.83
CA VAL A 14 2.81 2.36 -1.18
C VAL A 14 2.75 3.82 -1.65
N VAL A 15 2.50 4.01 -2.94
CA VAL A 15 2.43 5.35 -3.51
C VAL A 15 1.27 6.18 -2.90
N HIS A 16 0.20 5.50 -2.50
CA HIS A 16 -0.94 6.17 -1.88
C HIS A 16 -0.51 6.66 -0.50
N CYS A 17 0.25 5.84 0.14
CA CYS A 17 0.79 6.11 1.45
C CYS A 17 1.84 7.22 1.37
N LEU A 18 2.66 7.19 0.32
CA LEU A 18 3.68 8.21 0.12
C LEU A 18 3.04 9.56 -0.16
N ALA A 19 1.88 9.53 -0.80
CA ALA A 19 1.12 10.74 -1.08
C ALA A 19 0.50 11.28 0.21
N LYS A 20 -0.07 10.38 1.02
CA LYS A 20 -0.68 10.79 2.29
C LYS A 20 0.35 11.20 3.33
N GLY A 21 1.56 10.74 3.19
CA GLY A 21 2.61 11.12 4.11
C GLY A 21 2.87 10.04 5.13
N PHE A 22 2.98 8.84 4.65
CA PHE A 22 3.25 7.69 5.47
C PHE A 22 4.64 7.20 5.28
N ARG A 23 5.08 6.38 6.21
CA ARG A 23 6.37 5.75 6.12
C ARG A 23 6.33 4.69 5.03
N GLY A 24 5.12 4.28 4.69
CA GLY A 24 4.96 3.36 3.63
C GLY A 24 3.64 2.68 3.70
N GLY A 25 3.44 1.75 2.83
CA GLY A 25 2.22 1.07 2.75
C GLY A 25 2.41 -0.31 2.25
N TRP A 26 1.38 -1.10 2.33
CA TRP A 26 1.43 -2.46 1.89
C TRP A 26 0.01 -2.97 1.73
N CYS A 27 -0.20 -3.78 0.75
CA CYS A 27 -1.49 -4.41 0.59
C CYS A 27 -1.45 -5.70 1.36
N ASP A 28 -2.39 -5.92 2.22
CA ASP A 28 -2.37 -7.12 3.05
C ASP A 28 -3.13 -8.26 2.37
N SER A 29 -3.26 -9.38 3.06
CA SER A 29 -3.86 -10.58 2.53
C SER A 29 -5.36 -10.42 2.21
N ARG A 30 -6.00 -9.42 2.79
CA ARG A 30 -7.40 -9.15 2.54
C ARG A 30 -7.57 -8.33 1.25
N LYS A 31 -6.42 -7.96 0.65
CA LYS A 31 -6.34 -7.13 -0.55
C LYS A 31 -6.69 -5.68 -0.21
N VAL A 32 -6.38 -5.30 1.01
CA VAL A 32 -6.61 -3.96 1.47
C VAL A 32 -5.29 -3.20 1.46
N CYS A 33 -5.30 -2.00 0.92
CA CYS A 33 -4.14 -1.14 0.95
C CYS A 33 -4.05 -0.52 2.33
N ASN A 34 -2.99 -0.77 3.05
CA ASN A 34 -2.84 -0.21 4.38
C ASN A 34 -1.62 0.66 4.38
N CYS A 35 -1.67 1.74 5.06
CA CYS A 35 -0.53 2.63 5.18
C CYS A 35 -0.07 2.69 6.62
N ARG A 36 1.24 2.45 6.85
CA ARG A 36 1.86 2.48 8.18
C ARG A 36 3.31 2.02 8.09
N ARG A 37 3.52 0.91 7.40
CA ARG A 37 4.82 0.26 7.33
C ARG A 37 5.74 0.94 6.33
N GLY A 1 -5.46 4.03 -8.59
CA GLY A 1 -5.32 4.23 -7.16
C GLY A 1 -4.83 2.98 -6.50
N ILE A 2 -5.28 2.73 -5.29
CA ILE A 2 -4.87 1.55 -4.58
C ILE A 2 -5.54 0.30 -5.11
N THR A 3 -4.74 -0.59 -5.60
CA THR A 3 -5.18 -1.86 -6.11
C THR A 3 -4.10 -2.85 -5.76
N CYS A 4 -4.46 -4.03 -5.35
CA CYS A 4 -3.47 -4.98 -4.93
C CYS A 4 -3.40 -6.18 -5.83
N ASP A 5 -2.32 -6.27 -6.56
CA ASP A 5 -2.01 -7.45 -7.33
C ASP A 5 -1.01 -8.25 -6.53
N LEU A 6 -0.12 -7.51 -5.89
CA LEU A 6 0.86 -8.05 -5.00
C LEU A 6 0.52 -7.70 -3.58
N ILE A 7 1.07 -8.45 -2.71
CA ILE A 7 0.96 -8.25 -1.29
C ILE A 7 2.28 -7.69 -0.80
N GLY A 8 2.23 -6.52 -0.21
CA GLY A 8 3.43 -5.87 0.30
C GLY A 8 4.30 -5.21 -0.78
N ASN A 9 4.42 -5.85 -1.93
CA ASN A 9 5.33 -5.40 -3.00
C ASN A 9 4.58 -4.53 -3.99
N GLU A 10 3.39 -4.23 -3.64
CA GLU A 10 2.50 -3.51 -4.46
C GLU A 10 2.74 -2.02 -4.31
N ARG A 11 3.79 -1.59 -4.96
CA ARG A 11 4.25 -0.21 -4.93
C ARG A 11 3.22 0.80 -5.41
N LEU A 12 2.35 0.38 -6.32
CA LEU A 12 1.26 1.25 -6.81
C LEU A 12 0.26 1.54 -5.68
N CYS A 13 0.27 0.69 -4.69
CA CYS A 13 -0.51 0.90 -3.51
C CYS A 13 0.31 1.73 -2.52
N VAL A 14 1.56 1.29 -2.29
CA VAL A 14 2.48 1.93 -1.33
C VAL A 14 2.66 3.42 -1.63
N VAL A 15 2.73 3.77 -2.90
CA VAL A 15 2.90 5.15 -3.36
C VAL A 15 1.78 6.07 -2.85
N HIS A 16 0.60 5.51 -2.65
CA HIS A 16 -0.53 6.27 -2.15
C HIS A 16 -0.24 6.75 -0.73
N CYS A 17 0.34 5.86 0.05
CA CYS A 17 0.70 6.12 1.42
C CYS A 17 1.90 7.06 1.46
N LEU A 18 2.83 6.86 0.55
CA LEU A 18 4.03 7.69 0.48
C LEU A 18 3.65 9.11 0.06
N ALA A 19 2.61 9.23 -0.74
CA ALA A 19 2.11 10.52 -1.15
C ALA A 19 1.38 11.20 -0.01
N LYS A 20 0.58 10.43 0.72
CA LYS A 20 -0.16 10.96 1.89
C LYS A 20 0.78 11.39 3.00
N GLY A 21 1.92 10.76 3.08
CA GLY A 21 2.88 11.11 4.09
C GLY A 21 2.92 10.06 5.15
N PHE A 22 3.14 8.85 4.72
CA PHE A 22 3.23 7.72 5.57
C PHE A 22 4.59 7.12 5.52
N ARG A 23 4.94 6.40 6.57
CA ARG A 23 6.21 5.70 6.66
C ARG A 23 6.16 4.49 5.75
N GLY A 24 4.95 4.15 5.32
CA GLY A 24 4.80 3.10 4.40
C GLY A 24 3.41 2.56 4.36
N GLY A 25 3.08 2.00 3.25
CA GLY A 25 1.83 1.41 3.03
C GLY A 25 2.02 0.07 2.45
N TRP A 26 1.03 -0.76 2.50
CA TRP A 26 1.18 -2.10 2.03
C TRP A 26 -0.16 -2.74 1.79
N CYS A 27 -0.19 -3.61 0.84
CA CYS A 27 -1.32 -4.46 0.64
C CYS A 27 -1.12 -5.65 1.50
N ASP A 28 -2.03 -5.90 2.37
CA ASP A 28 -1.91 -7.07 3.21
C ASP A 28 -2.54 -8.27 2.48
N SER A 29 -2.53 -9.42 3.11
CA SER A 29 -3.03 -10.66 2.52
C SER A 29 -4.52 -10.56 2.08
N ARG A 30 -5.28 -9.65 2.68
CA ARG A 30 -6.70 -9.47 2.35
C ARG A 30 -6.86 -8.56 1.12
N LYS A 31 -5.72 -8.16 0.52
CA LYS A 31 -5.66 -7.29 -0.68
C LYS A 31 -6.10 -5.86 -0.34
N VAL A 32 -5.97 -5.50 0.91
CA VAL A 32 -6.33 -4.19 1.39
C VAL A 32 -5.11 -3.32 1.45
N CYS A 33 -5.26 -2.10 1.00
CA CYS A 33 -4.23 -1.11 1.08
C CYS A 33 -4.29 -0.40 2.40
N ASN A 34 -3.30 -0.62 3.19
CA ASN A 34 -3.21 -0.03 4.50
C ASN A 34 -2.02 0.90 4.51
N CYS A 35 -2.16 2.06 5.11
CA CYS A 35 -1.03 2.96 5.28
C CYS A 35 -0.78 3.09 6.77
N ARG A 36 0.42 2.68 7.25
CA ARG A 36 0.71 2.72 8.71
C ARG A 36 2.07 2.06 9.03
N ARG A 37 2.67 1.34 8.09
CA ARG A 37 3.93 0.67 8.38
C ARG A 37 5.10 1.47 7.86
#